data_5A4C
#
_entry.id   5A4C
#
_cell.length_a   208.430
_cell.length_b   57.460
_cell.length_c   65.670
_cell.angle_alpha   90.00
_cell.angle_beta   107.34
_cell.angle_gamma   90.00
#
_symmetry.space_group_name_H-M   'C 1 2 1'
#
loop_
_entity.id
_entity.type
_entity.pdbx_description
1 polymer 'FIBROBLAST GROWTH FACTOR RECEPTOR 1 (FMS-RELATED TYROSINE KINASE 2, PFEIFFER SYNDROME), ISOFORM CRA_B'
2 non-polymer 'SULFATE ION'
3 non-polymer 1,2-ETHANEDIOL
4 non-polymer 1-tert-butyl-3-[2-[3-(diethylamino)propylamino]-6-(3,5-dimethoxyphenyl)pyrido[2,3-d]pyrimidin-7-yl]urea
5 water water
#
_entity_poly.entity_id   1
_entity_poly.type   'polypeptide(L)'
_entity_poly.pdbx_seq_one_letter_code
;GASEYELPEDPRWELPRDRLVLGKPLGEGAFGQVVLAEAIGLDKDKPNRVTKVAVKMLKSDATEKDLSDLISEMEMMKMI
GKHKNIINLLGACTQDGPLYVIVEYASKGNLREYLQARRPPGLEYSYNPSHNPEEQLSSKDLVSCAYQVARGMEYLASKK
CIHRDLAARNVLVTEDNVMKIADFGLARDIHHIDYYKKTTNGRLPVKWMAPEALFDRIYTHQSDVWSFGVLLWEIFTLGG
SPYPGVPVEELFKLLKEGHRMDKPSNCTNELYMMMRDCWHAVPSQRPTFKQLVEDLDRIVALTSNQE
;
_entity_poly.pdbx_strand_id   A,B
#
loop_
_chem_comp.id
_chem_comp.type
_chem_comp.name
_chem_comp.formula
EDO non-polymer 1,2-ETHANEDIOL 'C2 H6 O2'
SO4 non-polymer 'SULFATE ION' 'O4 S -2'
XOJ non-polymer 1-tert-butyl-3-[2-[3-(diethylamino)propylamino]-6-(3,5-dimethoxyphenyl)pyrido[2,3-d]pyrimidin-7-yl]urea 'C27 H39 N7 O3'
#
# COMPACT_ATOMS: atom_id res chain seq x y z
N GLU A 6 -15.38 0.80 49.70
CA GLU A 6 -13.93 0.91 49.93
C GLU A 6 -13.18 -0.34 49.43
N LEU A 7 -11.84 -0.23 49.25
CA LEU A 7 -10.95 -1.29 48.75
C LEU A 7 -10.17 -2.04 49.85
N PRO A 8 -9.94 -3.37 49.72
CA PRO A 8 -9.14 -4.07 50.75
C PRO A 8 -7.63 -3.87 50.56
N GLU A 9 -6.85 -3.89 51.65
CA GLU A 9 -5.41 -3.67 51.52
C GLU A 9 -4.64 -4.93 51.20
N ASP A 10 -3.85 -4.88 50.13
CA ASP A 10 -2.99 -5.97 49.72
C ASP A 10 -1.57 -5.49 50.08
N PRO A 11 -0.97 -5.95 51.20
CA PRO A 11 0.38 -5.49 51.55
C PRO A 11 1.49 -5.91 50.60
N ARG A 12 1.18 -6.75 49.61
CA ARG A 12 2.16 -7.23 48.60
C ARG A 12 2.53 -6.03 47.68
N TRP A 13 1.55 -5.18 47.40
CA TRP A 13 1.61 -4.10 46.45
C TRP A 13 1.40 -2.71 47.00
N GLU A 14 0.92 -2.58 48.25
CA GLU A 14 0.62 -1.27 48.82
C GLU A 14 1.82 -0.35 48.97
N LEU A 15 1.73 0.86 48.38
CA LEU A 15 2.77 1.91 48.55
C LEU A 15 2.12 3.09 49.25
N PRO A 16 2.66 3.58 50.37
CA PRO A 16 2.05 4.77 51.02
C PRO A 16 1.94 5.97 50.08
N ARG A 17 0.85 6.74 50.21
CA ARG A 17 0.53 7.94 49.39
C ARG A 17 1.61 9.04 49.40
N ASP A 18 2.31 9.21 50.54
CA ASP A 18 3.38 10.20 50.72
C ASP A 18 4.66 9.81 49.96
N ARG A 19 4.71 8.58 49.41
CA ARG A 19 5.85 8.02 48.65
C ARG A 19 5.71 8.21 47.14
N LEU A 20 4.56 8.76 46.71
CA LEU A 20 4.26 8.95 45.29
C LEU A 20 4.09 10.43 45.00
N VAL A 21 4.98 10.95 44.14
CA VAL A 21 4.99 12.36 43.74
C VAL A 21 4.41 12.42 42.34
N LEU A 22 3.13 12.84 42.25
CA LEU A 22 2.42 12.92 40.97
C LEU A 22 2.99 14.03 40.07
N GLY A 23 3.16 13.71 38.79
CA GLY A 23 3.72 14.63 37.81
C GLY A 23 2.82 14.95 36.64
N LYS A 24 3.41 15.28 35.48
CA LYS A 24 2.66 15.66 34.28
C LYS A 24 1.83 14.52 33.66
N PRO A 25 0.63 14.87 33.14
CA PRO A 25 -0.21 13.85 32.47
C PRO A 25 0.49 13.28 31.24
N LEU A 26 0.26 11.98 31.00
CA LEU A 26 0.79 11.25 29.87
C LEU A 26 -0.28 11.07 28.79
N GLY A 27 -1.55 11.11 29.22
CA GLY A 27 -2.72 10.95 28.37
C GLY A 27 -3.96 10.44 29.10
N GLU A 28 -5.10 10.43 28.39
CA GLU A 28 -6.42 9.98 28.85
C GLU A 28 -6.99 8.93 27.88
N PHE A 31 -11.49 4.64 29.31
CA PHE A 31 -10.06 4.58 29.68
C PHE A 31 -9.73 5.72 30.64
N GLY A 32 -9.16 5.38 31.81
CA GLY A 32 -8.77 6.34 32.84
C GLY A 32 -7.53 7.15 32.47
N GLN A 33 -7.11 8.08 33.35
CA GLN A 33 -5.94 8.91 33.04
C GLN A 33 -4.61 8.35 33.60
N VAL A 34 -3.51 8.59 32.87
CA VAL A 34 -2.18 8.14 33.22
C VAL A 34 -1.27 9.37 33.34
N VAL A 35 -0.58 9.47 34.48
CA VAL A 35 0.35 10.56 34.79
C VAL A 35 1.76 9.99 35.04
N LEU A 36 2.79 10.79 34.79
CA LEU A 36 4.17 10.40 35.11
C LEU A 36 4.34 10.71 36.61
N ALA A 37 5.15 9.91 37.33
CA ALA A 37 5.35 10.13 38.77
C ALA A 37 6.70 9.63 39.20
N GLU A 38 7.05 9.96 40.44
CA GLU A 38 8.27 9.52 41.09
C GLU A 38 7.89 8.79 42.35
N ALA A 39 8.31 7.54 42.44
CA ALA A 39 8.03 6.70 43.60
C ALA A 39 9.29 6.63 44.43
N ILE A 40 9.18 7.03 45.69
CA ILE A 40 10.27 7.00 46.65
C ILE A 40 10.16 5.66 47.36
N GLY A 41 11.28 4.95 47.43
CA GLY A 41 11.33 3.69 48.18
C GLY A 41 10.32 2.65 47.79
N LEU A 42 10.17 2.43 46.46
CA LEU A 42 9.29 1.44 45.83
C LEU A 42 9.73 0.04 46.28
N ASP A 43 11.06 -0.18 46.28
CA ASP A 43 11.74 -1.38 46.76
C ASP A 43 12.26 -1.02 48.18
N LYS A 44 12.32 -2.02 49.11
CA LYS A 44 12.79 -1.81 50.49
C LYS A 44 14.31 -1.46 50.56
N ASP A 45 15.05 -1.75 49.47
CA ASP A 45 16.45 -1.39 49.25
C ASP A 45 16.46 -0.73 47.83
N LYS A 46 16.45 0.61 47.74
CA LYS A 46 16.52 1.53 48.89
C LYS A 46 15.18 2.21 49.16
N PRO A 47 14.86 2.59 50.43
CA PRO A 47 13.67 3.41 50.64
C PRO A 47 13.95 4.90 50.29
N ASN A 48 15.21 5.23 49.91
CA ASN A 48 15.67 6.59 49.56
C ASN A 48 15.84 6.89 48.06
N ARG A 49 15.67 5.89 47.20
CA ARG A 49 15.81 6.03 45.75
C ARG A 49 14.46 6.37 45.12
N VAL A 50 14.45 7.34 44.16
CA VAL A 50 13.28 7.70 43.36
C VAL A 50 13.31 6.96 42.05
N THR A 51 12.17 6.42 41.66
CA THR A 51 12.03 5.73 40.38
C THR A 51 10.93 6.44 39.61
N LYS A 52 11.17 6.75 38.33
CA LYS A 52 10.14 7.33 37.46
C LYS A 52 9.17 6.19 37.14
N VAL A 53 7.86 6.41 37.37
CA VAL A 53 6.80 5.40 37.16
C VAL A 53 5.62 6.05 36.38
N ALA A 54 4.68 5.24 35.88
CA ALA A 54 3.46 5.73 35.21
C ALA A 54 2.35 5.35 36.18
N VAL A 55 1.39 6.25 36.43
CA VAL A 55 0.32 5.97 37.39
C VAL A 55 -1.04 6.03 36.70
N LYS A 56 -1.81 4.93 36.77
CA LYS A 56 -3.17 4.96 36.21
C LYS A 56 -4.18 5.27 37.32
N MET A 57 -5.08 6.21 37.03
CA MET A 57 -6.11 6.64 37.95
C MET A 57 -7.36 6.96 37.17
N LEU A 58 -8.48 7.13 37.88
CA LEU A 58 -9.77 7.46 37.29
C LEU A 58 -9.94 8.96 37.02
N LYS A 59 -10.72 9.28 35.97
CA LYS A 59 -11.08 10.65 35.60
C LYS A 59 -12.21 11.15 36.54
N SER A 60 -12.55 12.45 36.49
CA SER A 60 -13.58 13.07 37.37
C SER A 60 -14.98 12.44 37.27
N ASP A 61 -15.47 12.22 36.03
CA ASP A 61 -16.79 11.64 35.77
C ASP A 61 -16.76 10.09 35.66
N ALA A 62 -15.93 9.44 36.51
CA ALA A 62 -15.76 7.98 36.52
C ALA A 62 -16.93 7.23 37.14
N THR A 63 -17.45 6.25 36.38
CA THR A 63 -18.58 5.39 36.76
C THR A 63 -18.10 4.23 37.65
N GLU A 64 -19.03 3.46 38.25
CA GLU A 64 -18.73 2.31 39.10
C GLU A 64 -18.04 1.21 38.30
N LYS A 65 -18.40 1.06 37.02
CA LYS A 65 -17.81 0.07 36.11
C LYS A 65 -16.40 0.50 35.70
N ASP A 66 -16.14 1.84 35.64
CA ASP A 66 -14.82 2.40 35.32
C ASP A 66 -13.85 2.00 36.43
N LEU A 67 -14.29 2.14 37.71
CA LEU A 67 -13.52 1.74 38.89
C LEU A 67 -13.34 0.23 38.92
N SER A 68 -14.41 -0.53 38.60
CA SER A 68 -14.37 -1.99 38.56
C SER A 68 -13.35 -2.47 37.52
N ASP A 69 -13.29 -1.81 36.34
CA ASP A 69 -12.37 -2.17 35.28
C ASP A 69 -10.90 -1.93 35.68
N LEU A 70 -10.63 -0.78 36.35
CA LEU A 70 -9.29 -0.41 36.83
C LEU A 70 -8.79 -1.45 37.83
N ILE A 71 -9.65 -1.82 38.80
CA ILE A 71 -9.37 -2.85 39.81
C ILE A 71 -9.07 -4.17 39.11
N SER A 72 -9.92 -4.59 38.16
CA SER A 72 -9.78 -5.83 37.40
C SER A 72 -8.46 -5.89 36.60
N GLU A 73 -8.06 -4.76 35.98
CA GLU A 73 -6.79 -4.69 35.24
C GLU A 73 -5.62 -4.88 36.22
N MET A 74 -5.63 -4.18 37.36
CA MET A 74 -4.59 -4.29 38.40
C MET A 74 -4.52 -5.76 38.92
N GLU A 75 -5.68 -6.34 39.23
CA GLU A 75 -5.81 -7.73 39.68
C GLU A 75 -5.23 -8.71 38.69
N MET A 76 -5.51 -8.51 37.39
CA MET A 76 -5.00 -9.31 36.29
C MET A 76 -3.45 -9.24 36.21
N MET A 77 -2.89 -8.03 36.32
CA MET A 77 -1.45 -7.82 36.32
C MET A 77 -0.75 -8.56 37.48
N LYS A 78 -1.34 -8.53 38.70
CA LYS A 78 -0.82 -9.30 39.86
C LYS A 78 -0.74 -10.82 39.54
N MET A 79 -1.80 -11.39 38.94
N MET A 79 -1.80 -11.39 38.94
CA MET A 79 -1.90 -12.81 38.60
CA MET A 79 -1.85 -12.81 38.62
C MET A 79 -0.92 -13.22 37.50
C MET A 79 -0.85 -13.21 37.53
N ILE A 80 -0.74 -12.39 36.46
CA ILE A 80 0.16 -12.69 35.29
C ILE A 80 1.67 -12.78 35.66
N GLY A 81 2.10 -11.99 36.63
CA GLY A 81 3.49 -12.01 37.03
C GLY A 81 4.39 -11.16 36.14
N LYS A 82 5.69 -11.21 36.45
CA LYS A 82 6.76 -10.39 35.89
C LYS A 82 7.44 -10.92 34.65
N HIS A 83 7.69 -10.02 33.71
CA HIS A 83 8.45 -10.30 32.50
C HIS A 83 9.08 -9.03 32.01
N LYS A 84 10.32 -9.11 31.50
CA LYS A 84 11.02 -7.96 30.94
C LYS A 84 10.22 -7.33 29.77
N ASN A 85 9.46 -8.12 28.98
CA ASN A 85 8.83 -7.52 27.80
C ASN A 85 7.34 -7.25 27.91
N ILE A 86 6.91 -6.89 29.11
CA ILE A 86 5.55 -6.43 29.40
C ILE A 86 5.66 -5.24 30.37
N ILE A 87 4.65 -4.36 30.40
CA ILE A 87 4.63 -3.25 31.37
C ILE A 87 4.27 -3.94 32.66
N ASN A 88 5.21 -3.90 33.63
CA ASN A 88 5.01 -4.61 34.90
C ASN A 88 4.35 -3.73 35.95
N LEU A 89 3.56 -4.35 36.85
CA LEU A 89 2.96 -3.68 38.01
C LEU A 89 4.08 -3.47 39.03
N LEU A 90 4.12 -2.30 39.65
CA LEU A 90 5.14 -1.95 40.66
C LEU A 90 4.54 -1.67 42.03
N GLY A 91 3.26 -1.33 42.09
CA GLY A 91 2.66 -0.98 43.38
C GLY A 91 1.29 -0.38 43.23
N ALA A 92 0.63 -0.01 44.34
CA ALA A 92 -0.71 0.58 44.28
C ALA A 92 -0.98 1.36 45.53
N CYS A 93 -1.75 2.47 45.40
CA CYS A 93 -2.23 3.33 46.49
C CYS A 93 -3.73 3.09 46.44
N THR A 94 -4.23 2.27 47.37
CA THR A 94 -5.63 1.82 47.38
C THR A 94 -6.42 2.35 48.59
N GLN A 95 -5.71 2.66 49.68
CA GLN A 95 -6.27 3.09 50.95
C GLN A 95 -6.29 4.60 51.15
N ASP A 96 -7.39 5.13 51.76
CA ASP A 96 -7.58 6.54 52.16
C ASP A 96 -7.38 7.56 51.03
N GLY A 97 -8.06 7.33 49.92
CA GLY A 97 -7.98 8.19 48.75
C GLY A 97 -8.27 7.48 47.45
N PRO A 98 -8.12 8.18 46.31
CA PRO A 98 -8.40 7.54 45.02
C PRO A 98 -7.44 6.41 44.69
N LEU A 99 -7.90 5.42 43.94
CA LEU A 99 -7.05 4.30 43.56
C LEU A 99 -6.04 4.72 42.50
N TYR A 100 -4.75 4.44 42.79
CA TYR A 100 -3.61 4.71 41.91
C TYR A 100 -2.94 3.37 41.57
N VAL A 101 -2.83 3.03 40.28
CA VAL A 101 -2.19 1.77 39.86
C VAL A 101 -0.83 2.15 39.29
N ILE A 102 0.25 1.69 39.94
CA ILE A 102 1.62 2.06 39.59
C ILE A 102 2.29 1.03 38.72
N VAL A 103 2.80 1.47 37.56
CA VAL A 103 3.40 0.54 36.59
C VAL A 103 4.69 1.10 36.07
N GLU A 104 5.48 0.28 35.36
CA GLU A 104 6.73 0.78 34.75
C GLU A 104 6.51 1.92 33.77
N TYR A 105 7.50 2.84 33.73
CA TYR A 105 7.53 3.98 32.82
C TYR A 105 8.32 3.64 31.59
N ALA A 106 7.78 4.00 30.41
CA ALA A 106 8.44 3.83 29.10
C ALA A 106 8.67 5.24 28.52
N SER A 107 9.85 5.80 28.78
CA SER A 107 10.16 7.18 28.37
C SER A 107 10.10 7.44 26.86
N LYS A 108 10.27 6.40 26.02
CA LYS A 108 10.24 6.62 24.56
C LYS A 108 8.86 6.39 23.92
N GLY A 109 7.80 6.30 24.73
CA GLY A 109 6.42 6.17 24.25
C GLY A 109 6.07 4.85 23.57
N ASN A 110 5.00 4.83 22.75
CA ASN A 110 4.62 3.60 22.10
C ASN A 110 5.54 3.28 20.88
N LEU A 111 5.58 2.01 20.45
CA LEU A 111 6.44 1.53 19.36
C LEU A 111 6.18 2.27 18.02
N ARG A 112 4.91 2.61 17.74
CA ARG A 112 4.51 3.33 16.52
C ARG A 112 5.20 4.72 16.50
N GLU A 113 5.12 5.46 17.61
CA GLU A 113 5.77 6.78 17.76
C GLU A 113 7.30 6.65 17.66
N TYR A 114 7.84 5.65 18.35
CA TYR A 114 9.27 5.38 18.42
C TYR A 114 9.83 5.13 17.01
N LEU A 115 9.17 4.28 16.22
CA LEU A 115 9.57 3.95 14.83
C LEU A 115 9.45 5.13 13.90
N GLN A 116 8.35 5.89 14.00
CA GLN A 116 8.10 7.05 13.14
C GLN A 116 9.12 8.15 13.37
N ALA A 117 9.48 8.40 14.66
CA ALA A 117 10.47 9.43 15.04
C ALA A 117 11.87 9.08 14.55
N ARG A 118 12.10 7.81 14.17
CA ARG A 118 13.40 7.31 13.73
C ARG A 118 13.40 6.93 12.27
N ARG A 119 12.48 7.52 11.49
CA ARG A 119 12.42 7.32 10.05
C ARG A 119 13.62 7.98 9.38
N PRO A 120 14.08 7.51 8.19
CA PRO A 120 15.22 8.19 7.54
C PRO A 120 14.91 9.64 7.22
N PRO A 121 15.95 10.51 7.03
CA PRO A 121 15.68 11.94 6.79
C PRO A 121 14.81 12.27 5.58
N GLY A 122 14.12 13.39 5.71
CA GLY A 122 13.19 13.93 4.71
C GLY A 122 13.89 14.43 3.48
N LEU A 123 13.31 14.12 2.32
CA LEU A 123 13.87 14.53 1.04
C LEU A 123 12.94 15.55 0.40
N GLU A 124 13.36 16.19 -0.69
CA GLU A 124 12.59 17.21 -1.40
C GLU A 124 11.18 16.75 -1.86
N TYR A 125 10.91 15.42 -1.84
CA TYR A 125 9.63 14.84 -2.24
C TYR A 125 8.79 14.38 -1.01
N SER A 126 9.39 14.46 0.21
CA SER A 126 8.76 14.03 1.47
C SER A 126 7.72 14.99 2.01
N TYR A 127 6.75 14.47 2.82
CA TYR A 127 5.70 15.23 3.49
C TYR A 127 6.37 16.20 4.46
N ASN A 128 7.37 15.70 5.24
CA ASN A 128 8.20 16.47 6.16
C ASN A 128 9.70 16.43 5.72
N PRO A 129 10.12 17.28 4.73
CA PRO A 129 11.53 17.26 4.29
C PRO A 129 12.58 17.64 5.35
N SER A 130 12.16 18.35 6.42
CA SER A 130 13.04 18.78 7.52
C SER A 130 13.34 17.64 8.51
N HIS A 131 12.60 16.48 8.41
CA HIS A 131 12.81 15.32 9.28
C HIS A 131 14.24 14.83 9.18
N ASN A 132 14.92 14.75 10.35
CA ASN A 132 16.31 14.32 10.48
C ASN A 132 16.52 13.89 11.94
N PRO A 133 16.29 12.60 12.28
CA PRO A 133 16.46 12.18 13.69
C PRO A 133 17.92 12.05 14.16
N GLU A 134 18.17 12.37 15.44
CA GLU A 134 19.47 12.22 16.07
C GLU A 134 19.57 10.78 16.62
N GLU A 135 18.74 9.87 16.07
CA GLU A 135 18.55 8.46 16.44
C GLU A 135 18.27 7.58 15.19
N GLN A 136 19.04 6.47 15.02
CA GLN A 136 18.92 5.60 13.84
C GLN A 136 18.83 4.09 14.15
N LEU A 137 17.98 3.36 13.40
CA LEU A 137 17.76 1.93 13.60
C LEU A 137 18.31 1.07 12.47
N SER A 138 19.19 0.10 12.80
CA SER A 138 19.73 -0.82 11.78
C SER A 138 18.68 -1.92 11.50
N SER A 139 18.93 -2.78 10.49
CA SER A 139 18.06 -3.92 10.19
C SER A 139 18.02 -4.91 11.39
N LYS A 140 19.16 -5.10 12.09
CA LYS A 140 19.24 -5.97 13.26
C LYS A 140 18.34 -5.42 14.39
N ASP A 141 18.31 -4.08 14.59
CA ASP A 141 17.49 -3.40 15.60
C ASP A 141 15.99 -3.63 15.42
N LEU A 142 15.50 -3.63 14.16
CA LEU A 142 14.09 -3.84 13.83
C LEU A 142 13.68 -5.29 14.08
N VAL A 143 14.54 -6.26 13.70
CA VAL A 143 14.30 -7.70 13.95
C VAL A 143 14.35 -7.95 15.48
N SER A 144 15.23 -7.22 16.20
CA SER A 144 15.37 -7.31 17.66
C SER A 144 14.09 -6.83 18.35
N CYS A 145 13.47 -5.79 17.83
N CYS A 145 13.44 -5.74 17.84
CA CYS A 145 12.20 -5.24 18.29
CA CYS A 145 12.13 -5.22 18.31
C CYS A 145 11.10 -6.31 18.20
C CYS A 145 11.08 -6.34 18.21
N ALA A 146 11.00 -7.01 17.05
CA ALA A 146 10.03 -8.07 16.76
C ALA A 146 10.31 -9.26 17.68
N TYR A 147 11.58 -9.62 17.86
CA TYR A 147 11.95 -10.68 18.80
C TYR A 147 11.41 -10.39 20.24
N GLN A 148 11.68 -9.18 20.77
CA GLN A 148 11.25 -8.77 22.11
C GLN A 148 9.74 -8.80 22.31
N VAL A 149 8.99 -8.30 21.32
CA VAL A 149 7.53 -8.32 21.34
C VAL A 149 7.04 -9.77 21.33
N ALA A 150 7.64 -10.64 20.48
CA ALA A 150 7.27 -12.06 20.40
C ALA A 150 7.54 -12.72 21.75
N ARG A 151 8.64 -12.33 22.41
CA ARG A 151 9.03 -12.88 23.71
C ARG A 151 8.03 -12.49 24.79
N GLY A 152 7.56 -11.25 24.75
CA GLY A 152 6.53 -10.77 25.69
C GLY A 152 5.22 -11.51 25.51
N MET A 153 4.84 -11.73 24.25
CA MET A 153 3.63 -12.43 23.86
C MET A 153 3.71 -13.91 24.20
N GLU A 154 4.89 -14.52 24.03
CA GLU A 154 5.09 -15.91 24.40
C GLU A 154 4.86 -16.06 25.90
N TYR A 155 5.41 -15.11 26.69
CA TYR A 155 5.23 -15.13 28.14
C TYR A 155 3.75 -14.99 28.49
N LEU A 156 3.07 -13.97 27.91
CA LEU A 156 1.63 -13.77 28.18
C LEU A 156 0.79 -14.99 27.83
N ALA A 157 1.07 -15.62 26.68
CA ALA A 157 0.42 -16.86 26.23
C ALA A 157 0.67 -18.00 27.22
N SER A 158 1.91 -18.12 27.74
CA SER A 158 2.24 -19.16 28.75
C SER A 158 1.42 -18.91 30.04
N LYS A 159 0.96 -17.67 30.24
CA LYS A 159 0.14 -17.31 31.41
C LYS A 159 -1.34 -17.36 31.06
N LYS A 160 -1.70 -17.90 29.87
CA LYS A 160 -3.09 -18.09 29.41
C LYS A 160 -3.79 -16.79 29.07
N CYS A 161 -3.02 -15.73 28.82
CA CYS A 161 -3.50 -14.40 28.48
C CYS A 161 -3.66 -14.27 26.96
N ILE A 162 -4.81 -13.76 26.51
CA ILE A 162 -5.09 -13.42 25.11
C ILE A 162 -5.16 -11.91 25.12
N HIS A 163 -4.32 -11.27 24.33
CA HIS A 163 -4.24 -9.81 24.34
C HIS A 163 -5.49 -9.17 23.71
N ARG A 164 -5.87 -9.62 22.50
CA ARG A 164 -7.02 -9.14 21.70
C ARG A 164 -6.77 -7.82 20.94
N ASP A 165 -5.73 -7.04 21.32
CA ASP A 165 -5.40 -5.79 20.61
C ASP A 165 -3.88 -5.59 20.46
N LEU A 166 -3.19 -6.63 20.01
CA LEU A 166 -1.77 -6.52 19.80
C LEU A 166 -1.50 -5.63 18.57
N ALA A 167 -0.80 -4.49 18.78
CA ALA A 167 -0.46 -3.50 17.76
C ALA A 167 0.70 -2.66 18.30
N ALA A 168 1.50 -2.00 17.43
CA ALA A 168 2.60 -1.16 17.92
C ALA A 168 2.14 -0.10 18.92
N ARG A 169 0.91 0.42 18.81
CA ARG A 169 0.36 1.40 19.77
C ARG A 169 0.32 0.86 21.21
N ASN A 170 0.21 -0.47 21.38
CA ASN A 170 0.12 -1.20 22.66
C ASN A 170 1.44 -1.86 23.06
N VAL A 171 2.54 -1.36 22.50
CA VAL A 171 3.90 -1.77 22.85
C VAL A 171 4.58 -0.48 23.25
N LEU A 172 5.19 -0.46 24.44
CA LEU A 172 5.86 0.74 24.93
C LEU A 172 7.37 0.54 24.93
N VAL A 173 8.14 1.63 24.74
CA VAL A 173 9.59 1.54 24.67
C VAL A 173 10.24 2.30 25.82
N THR A 174 11.08 1.61 26.59
CA THR A 174 11.78 2.21 27.73
C THR A 174 12.97 3.03 27.27
N GLU A 175 13.65 3.72 28.24
CA GLU A 175 14.86 4.52 27.97
C GLU A 175 15.98 3.63 27.39
N ASP A 176 15.98 2.35 27.76
CA ASP A 176 16.96 1.35 27.34
C ASP A 176 16.56 0.55 26.09
N ASN A 177 15.54 1.03 25.34
CA ASN A 177 15.04 0.42 24.11
C ASN A 177 14.50 -0.99 24.30
N VAL A 178 13.88 -1.25 25.46
CA VAL A 178 13.28 -2.53 25.77
C VAL A 178 11.84 -2.42 25.36
N MET A 179 11.34 -3.41 24.62
CA MET A 179 9.96 -3.45 24.17
C MET A 179 9.13 -4.04 25.29
N LYS A 180 8.03 -3.39 25.68
CA LYS A 180 7.13 -3.85 26.73
C LYS A 180 5.68 -3.88 26.24
N ILE A 181 5.05 -5.06 26.23
CA ILE A 181 3.63 -5.16 25.82
C ILE A 181 2.79 -4.42 26.89
N ALA A 182 1.84 -3.61 26.45
CA ALA A 182 0.99 -2.86 27.35
C ALA A 182 -0.45 -3.30 27.17
N ASP A 183 -1.31 -2.92 28.14
CA ASP A 183 -2.76 -3.15 28.10
C ASP A 183 -3.14 -4.57 27.78
N PHE A 184 -2.42 -5.53 28.40
CA PHE A 184 -2.65 -6.96 28.17
C PHE A 184 -3.74 -7.56 29.03
N GLY A 185 -4.23 -6.81 30.03
CA GLY A 185 -5.26 -7.32 30.94
C GLY A 185 -6.52 -6.48 31.06
N LEU A 186 -6.96 -5.86 29.95
CA LEU A 186 -8.17 -5.02 29.94
C LEU A 186 -9.42 -5.88 29.95
N ILE A 193 -17.74 -3.15 21.40
CA ILE A 193 -16.69 -3.26 20.38
C ILE A 193 -17.15 -2.58 19.08
N ASP A 194 -16.93 -1.26 18.99
CA ASP A 194 -17.31 -0.48 17.82
C ASP A 194 -16.26 -0.61 16.71
N TYR A 195 -16.64 -1.26 15.60
CA TYR A 195 -15.77 -1.49 14.44
C TYR A 195 -15.42 -0.21 13.68
N TYR A 196 -16.25 0.85 13.79
CA TYR A 196 -16.03 2.12 13.12
C TYR A 196 -15.24 3.13 13.96
N LYS A 197 -15.11 2.87 15.27
CA LYS A 197 -14.35 3.71 16.21
C LYS A 197 -12.85 3.71 15.89
N LYS A 198 -12.28 4.91 15.73
CA LYS A 198 -10.86 5.12 15.42
C LYS A 198 -10.05 5.38 16.68
N THR A 199 -8.72 5.17 16.60
CA THR A 199 -7.78 5.40 17.69
C THR A 199 -7.52 6.89 17.82
N THR A 200 -6.71 7.27 18.82
CA THR A 200 -6.21 8.62 19.11
C THR A 200 -5.51 9.20 17.86
N ASN A 201 -4.77 8.34 17.11
CA ASN A 201 -4.01 8.68 15.89
C ASN A 201 -4.87 8.53 14.59
N GLY A 202 -6.17 8.28 14.74
CA GLY A 202 -7.11 8.16 13.64
C GLY A 202 -7.08 6.88 12.82
N ARG A 203 -6.51 5.81 13.37
CA ARG A 203 -6.44 4.51 12.67
C ARG A 203 -7.54 3.57 13.15
N LEU A 204 -7.90 2.56 12.34
CA LEU A 204 -8.94 1.59 12.66
C LEU A 204 -8.41 0.28 13.23
N PRO A 205 -8.65 0.02 14.54
CA PRO A 205 -8.16 -1.24 15.18
C PRO A 205 -8.60 -2.57 14.55
N VAL A 206 -9.70 -2.59 13.77
CA VAL A 206 -10.16 -3.81 13.06
C VAL A 206 -9.07 -4.29 12.08
N LYS A 207 -8.12 -3.39 11.70
CA LYS A 207 -7.05 -3.70 10.74
C LYS A 207 -5.97 -4.63 11.33
N TRP A 208 -6.03 -4.86 12.65
CA TRP A 208 -5.12 -5.77 13.36
C TRP A 208 -5.82 -7.08 13.70
N MET A 209 -7.16 -7.16 13.51
CA MET A 209 -7.93 -8.34 13.92
C MET A 209 -7.90 -9.51 12.98
N ALA A 210 -7.74 -10.73 13.53
CA ALA A 210 -7.84 -11.94 12.70
C ALA A 210 -9.26 -12.05 12.15
N PRO A 211 -9.44 -12.63 10.94
CA PRO A 211 -10.79 -12.76 10.37
C PRO A 211 -11.75 -13.51 11.28
N GLU A 212 -11.29 -14.60 11.93
CA GLU A 212 -12.18 -15.33 12.84
C GLU A 212 -12.51 -14.49 14.10
N ALA A 213 -11.66 -13.52 14.48
CA ALA A 213 -11.95 -12.65 15.63
C ALA A 213 -12.94 -11.58 15.19
N LEU A 214 -12.71 -11.02 14.02
CA LEU A 214 -13.57 -10.00 13.45
C LEU A 214 -14.95 -10.53 13.05
N PHE A 215 -15.03 -11.64 12.31
CA PHE A 215 -16.33 -12.17 11.85
C PHE A 215 -17.02 -13.12 12.80
N ASP A 216 -16.28 -13.95 13.55
CA ASP A 216 -16.89 -14.94 14.43
C ASP A 216 -16.66 -14.69 15.92
N ARG A 217 -16.01 -13.54 16.25
CA ARG A 217 -15.68 -13.10 17.61
C ARG A 217 -14.92 -14.21 18.41
N ILE A 218 -14.08 -14.98 17.72
CA ILE A 218 -13.25 -16.03 18.31
C ILE A 218 -11.85 -15.47 18.50
N TYR A 219 -11.49 -15.20 19.75
CA TYR A 219 -10.18 -14.67 20.14
C TYR A 219 -9.39 -15.78 20.79
N THR A 220 -8.20 -16.07 20.26
CA THR A 220 -7.32 -17.14 20.72
C THR A 220 -5.88 -16.61 20.71
N HIS A 221 -4.88 -17.43 21.09
CA HIS A 221 -3.48 -17.04 20.91
C HIS A 221 -3.20 -16.95 19.38
N GLN A 222 -3.90 -17.78 18.59
CA GLN A 222 -3.76 -17.81 17.12
C GLN A 222 -4.21 -16.52 16.46
N SER A 223 -5.24 -15.87 17.03
CA SER A 223 -5.72 -14.58 16.52
C SER A 223 -4.78 -13.42 16.92
N ASP A 224 -4.03 -13.58 18.06
CA ASP A 224 -3.02 -12.62 18.50
C ASP A 224 -1.79 -12.76 17.55
N VAL A 225 -1.52 -13.99 17.05
CA VAL A 225 -0.40 -14.24 16.12
C VAL A 225 -0.72 -13.50 14.81
N TRP A 226 -1.98 -13.53 14.37
CA TRP A 226 -2.39 -12.74 13.21
C TRP A 226 -2.04 -11.26 13.48
N SER A 227 -2.50 -10.70 14.62
CA SER A 227 -2.22 -9.31 15.01
C SER A 227 -0.71 -9.04 15.01
N PHE A 228 0.07 -10.02 15.50
CA PHE A 228 1.54 -9.90 15.55
C PHE A 228 2.12 -9.80 14.12
N GLY A 229 1.45 -10.41 13.14
CA GLY A 229 1.83 -10.31 11.73
C GLY A 229 1.70 -8.87 11.27
N VAL A 230 0.58 -8.22 11.63
CA VAL A 230 0.32 -6.80 11.32
C VAL A 230 1.36 -5.95 12.06
N LEU A 231 1.66 -6.27 13.32
CA LEU A 231 2.69 -5.54 14.12
C LEU A 231 4.05 -5.64 13.43
N LEU A 232 4.43 -6.83 12.92
CA LEU A 232 5.68 -7.01 12.17
C LEU A 232 5.73 -6.06 10.96
N TRP A 233 4.61 -5.93 10.20
CA TRP A 233 4.47 -5.05 9.03
C TRP A 233 4.66 -3.62 9.49
N GLU A 234 4.12 -3.25 10.69
CA GLU A 234 4.33 -1.92 11.28
C GLU A 234 5.78 -1.68 11.58
N ILE A 235 6.52 -2.68 12.08
CA ILE A 235 7.97 -2.52 12.40
C ILE A 235 8.74 -2.25 11.11
N PHE A 236 8.57 -3.13 10.11
CA PHE A 236 9.33 -3.05 8.85
C PHE A 236 8.91 -1.87 7.95
N THR A 237 7.76 -1.21 8.21
CA THR A 237 7.38 0.03 7.50
C THR A 237 7.71 1.25 8.37
N LEU A 238 8.37 1.01 9.53
CA LEU A 238 8.77 2.05 10.47
C LEU A 238 7.59 2.87 10.97
N GLY A 239 6.56 2.17 11.40
CA GLY A 239 5.33 2.79 11.91
C GLY A 239 4.35 3.13 10.81
N GLY A 240 4.40 2.38 9.72
CA GLY A 240 3.47 2.57 8.62
C GLY A 240 2.06 2.25 9.06
N SER A 241 1.09 2.83 8.37
CA SER A 241 -0.33 2.66 8.67
C SER A 241 -0.94 1.51 7.83
N PRO A 242 -1.46 0.41 8.43
CA PRO A 242 -2.03 -0.67 7.60
C PRO A 242 -3.24 -0.21 6.80
N TYR A 243 -3.32 -0.60 5.51
CA TYR A 243 -4.46 -0.26 4.66
C TYR A 243 -4.87 1.23 4.74
N PRO A 244 -3.99 2.17 4.40
CA PRO A 244 -4.41 3.58 4.47
C PRO A 244 -5.51 3.89 3.43
N GLY A 245 -6.55 4.61 3.88
CA GLY A 245 -7.70 5.00 3.07
C GLY A 245 -8.75 3.91 2.90
N VAL A 246 -8.58 2.77 3.58
CA VAL A 246 -9.48 1.62 3.49
C VAL A 246 -10.55 1.69 4.60
N PRO A 247 -11.81 1.94 4.28
CA PRO A 247 -12.82 1.98 5.35
C PRO A 247 -13.19 0.56 5.76
N VAL A 248 -13.89 0.42 6.89
CA VAL A 248 -14.28 -0.86 7.48
C VAL A 248 -14.92 -1.86 6.50
N GLU A 249 -15.91 -1.42 5.70
CA GLU A 249 -16.63 -2.30 4.78
C GLU A 249 -15.75 -2.84 3.66
N GLU A 250 -14.80 -2.01 3.17
CA GLU A 250 -13.85 -2.43 2.13
C GLU A 250 -12.81 -3.39 2.75
N LEU A 251 -12.47 -3.18 4.03
CA LEU A 251 -11.54 -4.08 4.73
C LEU A 251 -12.11 -5.48 4.80
N PHE A 252 -13.39 -5.60 5.21
CA PHE A 252 -14.14 -6.84 5.30
C PHE A 252 -14.07 -7.60 3.98
N LYS A 253 -14.31 -6.91 2.84
CA LYS A 253 -14.27 -7.47 1.51
C LYS A 253 -12.83 -7.94 1.16
N LEU A 254 -11.80 -7.14 1.50
CA LEU A 254 -10.40 -7.53 1.27
C LEU A 254 -10.09 -8.83 2.05
N LEU A 255 -10.56 -8.92 3.30
CA LEU A 255 -10.36 -10.12 4.11
C LEU A 255 -11.11 -11.33 3.53
N LYS A 256 -12.38 -11.14 3.08
CA LYS A 256 -13.16 -12.24 2.51
C LYS A 256 -12.54 -12.76 1.20
N GLU A 257 -11.86 -11.86 0.45
CA GLU A 257 -11.18 -12.19 -0.81
C GLU A 257 -9.80 -12.86 -0.59
N GLY A 258 -9.32 -12.88 0.66
CA GLY A 258 -8.02 -13.45 0.97
C GLY A 258 -6.87 -12.52 0.65
N HIS A 259 -7.14 -11.20 0.60
CA HIS A 259 -6.10 -10.22 0.34
C HIS A 259 -5.12 -10.11 1.51
N ARG A 260 -3.81 -9.90 1.20
CA ARG A 260 -2.73 -9.73 2.15
C ARG A 260 -1.96 -8.45 1.83
N MET A 261 -1.43 -7.75 2.86
CA MET A 261 -0.66 -6.52 2.68
C MET A 261 0.61 -6.84 1.91
N ASP A 262 1.13 -5.84 1.15
CA ASP A 262 2.33 -5.99 0.31
C ASP A 262 3.58 -6.14 1.14
N LYS A 263 4.67 -6.62 0.53
CA LYS A 263 5.95 -6.70 1.22
C LYS A 263 6.54 -5.31 1.31
N PRO A 264 6.80 -4.81 2.53
CA PRO A 264 7.49 -3.52 2.66
C PRO A 264 8.88 -3.62 2.04
N SER A 265 9.42 -2.49 1.57
CA SER A 265 10.78 -2.46 1.05
C SER A 265 11.71 -2.57 2.29
N ASN A 266 12.96 -3.03 2.12
CA ASN A 266 13.89 -3.22 3.26
C ASN A 266 13.30 -4.22 4.31
N CYS A 267 12.82 -5.33 3.78
CA CYS A 267 12.25 -6.42 4.52
C CYS A 267 12.60 -7.63 3.71
N THR A 268 13.21 -8.62 4.35
CA THR A 268 13.67 -9.84 3.69
C THR A 268 12.50 -10.70 3.24
N ASN A 269 12.75 -11.59 2.29
CA ASN A 269 11.71 -12.52 1.83
C ASN A 269 11.30 -13.39 3.01
N GLU A 270 12.28 -13.72 3.86
CA GLU A 270 12.10 -14.54 5.04
C GLU A 270 11.13 -13.90 6.03
N LEU A 271 11.33 -12.61 6.35
CA LEU A 271 10.45 -11.90 7.26
C LEU A 271 9.07 -11.65 6.67
N TYR A 272 8.94 -11.47 5.34
CA TYR A 272 7.63 -11.31 4.70
C TYR A 272 6.88 -12.65 4.76
N MET A 273 7.60 -13.78 4.57
N MET A 273 7.59 -13.76 4.58
CA MET A 273 7.06 -15.14 4.69
CA MET A 273 6.98 -15.08 4.67
C MET A 273 6.55 -15.31 6.13
C MET A 273 6.59 -15.39 6.13
N MET A 274 7.28 -14.78 7.12
CA MET A 274 6.88 -14.88 8.53
C MET A 274 5.53 -14.15 8.73
N MET A 275 5.42 -12.94 8.16
CA MET A 275 4.21 -12.10 8.21
C MET A 275 3.04 -12.86 7.60
N ARG A 276 3.24 -13.39 6.39
CA ARG A 276 2.25 -14.16 5.64
C ARG A 276 1.85 -15.41 6.40
N ASP A 277 2.79 -16.08 7.08
CA ASP A 277 2.51 -17.26 7.90
C ASP A 277 1.61 -16.92 9.08
N CYS A 278 1.86 -15.75 9.70
CA CYS A 278 1.04 -15.20 10.81
C CYS A 278 -0.37 -14.93 10.29
N TRP A 279 -0.49 -14.56 9.02
CA TRP A 279 -1.77 -14.28 8.36
C TRP A 279 -2.38 -15.49 7.63
N HIS A 280 -2.09 -16.73 8.09
CA HIS A 280 -2.71 -17.92 7.50
C HIS A 280 -4.20 -17.84 7.71
N ALA A 281 -4.98 -18.14 6.67
CA ALA A 281 -6.45 -18.19 6.77
C ALA A 281 -6.86 -19.20 7.84
N VAL A 282 -6.12 -20.31 7.95
CA VAL A 282 -6.43 -21.36 8.94
C VAL A 282 -5.67 -21.11 10.24
N PRO A 283 -6.39 -20.76 11.35
CA PRO A 283 -5.71 -20.44 12.62
C PRO A 283 -4.71 -21.46 13.12
N SER A 284 -5.04 -22.74 12.97
CA SER A 284 -4.19 -23.89 13.41
C SER A 284 -2.87 -23.99 12.63
N GLN A 285 -2.81 -23.39 11.44
CA GLN A 285 -1.63 -23.45 10.57
C GLN A 285 -0.65 -22.28 10.76
N ARG A 286 -1.03 -21.30 11.56
CA ARG A 286 -0.20 -20.14 11.88
C ARG A 286 0.94 -20.59 12.83
N PRO A 287 2.13 -19.93 12.81
CA PRO A 287 3.16 -20.30 13.77
C PRO A 287 2.70 -19.92 15.18
N THR A 288 3.21 -20.57 16.21
CA THR A 288 2.85 -20.14 17.56
C THR A 288 3.83 -19.03 17.98
N PHE A 289 3.59 -18.36 19.13
CA PHE A 289 4.52 -17.38 19.68
C PHE A 289 5.83 -18.05 20.02
N LYS A 290 5.80 -19.31 20.51
CA LYS A 290 6.99 -20.11 20.83
C LYS A 290 7.84 -20.31 19.56
N GLN A 291 7.24 -20.69 18.39
CA GLN A 291 8.00 -20.84 17.14
C GLN A 291 8.57 -19.48 16.68
N LEU A 292 7.77 -18.40 16.74
CA LEU A 292 8.16 -17.03 16.34
C LEU A 292 9.37 -16.51 17.13
N VAL A 293 9.43 -16.79 18.44
CA VAL A 293 10.56 -16.41 19.30
C VAL A 293 11.80 -17.15 18.81
N GLU A 294 11.69 -18.46 18.54
CA GLU A 294 12.81 -19.27 18.03
C GLU A 294 13.29 -18.81 16.65
N ASP A 295 12.34 -18.56 15.72
CA ASP A 295 12.73 -18.12 14.37
C ASP A 295 13.38 -16.74 14.44
N LEU A 296 12.80 -15.83 15.26
CA LEU A 296 13.33 -14.47 15.43
C LEU A 296 14.68 -14.44 16.10
N ASP A 297 14.93 -15.31 17.08
CA ASP A 297 16.23 -15.41 17.75
C ASP A 297 17.32 -15.78 16.73
N ARG A 298 17.03 -16.76 15.85
CA ARG A 298 17.95 -17.21 14.79
C ARG A 298 18.19 -16.07 13.77
N ILE A 299 17.13 -15.45 13.25
CA ILE A 299 17.19 -14.34 12.31
C ILE A 299 17.99 -13.14 12.87
N VAL A 300 17.74 -12.72 14.14
CA VAL A 300 18.46 -11.60 14.76
C VAL A 300 19.98 -11.77 14.59
N ALA A 301 20.51 -12.96 14.98
CA ALA A 301 21.92 -13.34 14.91
C ALA A 301 22.51 -13.27 13.50
N LEU A 302 21.69 -13.50 12.47
CA LEU A 302 22.15 -13.49 11.06
C LEU A 302 21.88 -12.16 10.32
N THR A 303 21.12 -11.24 10.95
CA THR A 303 20.76 -9.96 10.37
C THR A 303 21.90 -8.96 10.54
N SER A 304 22.23 -8.23 9.44
CA SER A 304 23.27 -7.22 9.43
C SER A 304 22.90 -6.00 10.24
N ASN A 305 23.83 -5.51 11.04
CA ASN A 305 23.66 -4.25 11.76
C ASN A 305 24.44 -3.12 11.03
N GLN A 306 25.13 -3.47 9.91
CA GLN A 306 25.93 -2.55 9.11
C GLN A 306 25.09 -1.56 8.29
N GLU A 307 23.78 -1.80 8.18
CA GLU A 307 22.82 -0.93 7.51
C GLU A 307 21.40 -1.23 8.03
N GLY B 1 -21.79 15.07 -39.39
CA GLY B 1 -22.75 14.99 -40.49
C GLY B 1 -22.15 14.73 -41.85
N ALA B 2 -23.00 14.20 -42.77
CA ALA B 2 -22.80 13.74 -44.17
C ALA B 2 -22.39 12.27 -44.15
N SER B 3 -21.67 11.89 -43.05
CA SER B 3 -21.20 10.54 -42.72
C SER B 3 -22.34 9.56 -42.45
N GLU B 4 -23.59 10.06 -42.40
CA GLU B 4 -24.78 9.23 -42.17
C GLU B 4 -25.05 8.36 -43.39
N TYR B 5 -24.69 8.86 -44.59
CA TYR B 5 -24.87 8.15 -45.87
C TYR B 5 -23.57 7.69 -46.45
N GLU B 6 -22.53 8.51 -46.33
CA GLU B 6 -21.21 8.13 -46.82
C GLU B 6 -20.13 8.90 -46.13
N LEU B 7 -19.02 8.24 -45.91
CA LEU B 7 -17.86 8.82 -45.29
C LEU B 7 -16.94 9.46 -46.34
N PRO B 8 -16.15 10.48 -45.95
CA PRO B 8 -15.17 11.06 -46.90
C PRO B 8 -14.13 9.99 -47.23
N GLU B 9 -13.63 10.04 -48.45
CA GLU B 9 -12.61 9.10 -48.92
C GLU B 9 -11.18 9.48 -48.53
N ASP B 10 -10.30 8.48 -48.41
CA ASP B 10 -8.85 8.68 -48.19
C ASP B 10 -8.11 7.51 -48.82
N PRO B 11 -7.85 7.58 -50.14
CA PRO B 11 -7.18 6.48 -50.83
C PRO B 11 -5.88 6.00 -50.18
N ARG B 12 -5.12 6.91 -49.52
CA ARG B 12 -3.83 6.61 -48.85
C ARG B 12 -3.91 5.52 -47.81
N TRP B 13 -5.07 5.33 -47.20
CA TRP B 13 -5.28 4.38 -46.11
C TRP B 13 -6.30 3.31 -46.42
N GLU B 14 -7.08 3.48 -47.50
CA GLU B 14 -8.15 2.57 -47.88
C GLU B 14 -7.68 1.16 -48.23
N LEU B 15 -8.29 0.15 -47.59
CA LEU B 15 -7.99 -1.24 -47.89
C LEU B 15 -9.24 -1.92 -48.43
N PRO B 16 -9.16 -2.65 -49.57
CA PRO B 16 -10.35 -3.37 -50.06
C PRO B 16 -10.83 -4.38 -49.02
N ARG B 17 -12.17 -4.52 -48.89
CA ARG B 17 -12.81 -5.40 -47.92
C ARG B 17 -12.48 -6.88 -48.17
N ASP B 18 -12.22 -7.24 -49.45
CA ASP B 18 -11.82 -8.60 -49.84
C ASP B 18 -10.42 -8.97 -49.29
N ARG B 19 -9.61 -7.94 -48.94
CA ARG B 19 -8.26 -8.04 -48.38
C ARG B 19 -8.26 -8.05 -46.82
N LEU B 20 -9.45 -8.16 -46.19
CA LEU B 20 -9.62 -8.22 -44.75
C LEU B 20 -10.58 -9.36 -44.34
N VAL B 21 -10.09 -10.30 -43.53
CA VAL B 21 -10.88 -11.43 -43.05
C VAL B 21 -11.06 -11.26 -41.53
N LEU B 22 -12.25 -10.82 -41.10
CA LEU B 22 -12.54 -10.60 -39.69
C LEU B 22 -12.52 -11.92 -38.92
N GLY B 23 -11.93 -11.90 -37.73
CA GLY B 23 -11.79 -13.08 -36.89
C GLY B 23 -12.44 -12.98 -35.53
N LYS B 24 -11.85 -13.66 -34.53
CA LYS B 24 -12.36 -13.71 -33.16
C LYS B 24 -12.37 -12.34 -32.48
N PRO B 25 -13.44 -12.00 -31.73
CA PRO B 25 -13.45 -10.72 -31.02
C PRO B 25 -12.38 -10.68 -29.93
N LEU B 26 -11.83 -9.49 -29.70
CA LEU B 26 -10.84 -9.25 -28.65
C LEU B 26 -11.54 -8.66 -27.43
N GLY B 27 -12.65 -7.97 -27.68
CA GLY B 27 -13.44 -7.33 -26.64
C GLY B 27 -14.24 -6.17 -27.17
N GLU B 28 -14.92 -5.47 -26.26
CA GLU B 28 -15.77 -4.35 -26.61
C GLU B 28 -15.85 -3.30 -25.54
N GLY B 29 -16.38 -2.14 -25.95
CA GLY B 29 -16.65 -0.98 -25.12
C GLY B 29 -18.15 -0.74 -25.12
N ALA B 30 -18.59 0.48 -24.78
CA ALA B 30 -20.02 0.79 -24.77
C ALA B 30 -20.66 0.70 -26.17
N PHE B 31 -20.04 1.30 -27.22
CA PHE B 31 -20.63 1.27 -28.58
C PHE B 31 -19.65 0.86 -29.69
N GLY B 32 -18.48 0.38 -29.27
CA GLY B 32 -17.45 -0.11 -30.16
C GLY B 32 -16.99 -1.50 -29.77
N GLN B 33 -16.33 -2.17 -30.69
CA GLN B 33 -15.79 -3.48 -30.44
C GLN B 33 -14.50 -3.61 -31.24
N VAL B 34 -13.60 -4.49 -30.79
CA VAL B 34 -12.33 -4.74 -31.44
C VAL B 34 -12.21 -6.24 -31.69
N VAL B 35 -11.90 -6.62 -32.94
CA VAL B 35 -11.76 -8.01 -33.35
C VAL B 35 -10.36 -8.30 -33.91
N LEU B 36 -9.93 -9.56 -33.82
CA LEU B 36 -8.69 -10.02 -34.44
C LEU B 36 -9.05 -10.22 -35.91
N ALA B 37 -8.11 -9.95 -36.82
CA ALA B 37 -8.35 -10.10 -38.27
C ALA B 37 -7.07 -10.35 -38.99
N GLU B 38 -7.16 -10.85 -40.21
CA GLU B 38 -6.01 -11.11 -41.08
C GLU B 38 -6.15 -10.21 -42.29
N ALA B 39 -5.15 -9.35 -42.53
CA ALA B 39 -5.14 -8.42 -43.66
C ALA B 39 -4.14 -8.89 -44.73
N ILE B 40 -4.62 -9.03 -45.97
CA ILE B 40 -3.80 -9.49 -47.10
C ILE B 40 -3.25 -8.28 -47.87
N GLY B 41 -1.93 -8.16 -47.87
CA GLY B 41 -1.20 -7.10 -48.57
C GLY B 41 -1.43 -5.67 -48.13
N LEU B 42 -1.00 -5.34 -46.90
CA LEU B 42 -1.13 -4.00 -46.33
C LEU B 42 -0.23 -3.01 -47.08
N ASP B 43 1.06 -3.39 -47.32
CA ASP B 43 2.07 -2.57 -47.98
C ASP B 43 2.27 -2.95 -49.44
N PRO B 47 2.16 -7.60 -50.67
CA PRO B 47 1.02 -7.65 -51.60
C PRO B 47 0.12 -8.88 -51.43
N ASN B 48 0.71 -10.04 -51.13
CA ASN B 48 0.01 -11.30 -50.91
C ASN B 48 0.31 -11.80 -49.50
N ARG B 49 1.14 -11.04 -48.77
CA ARG B 49 1.54 -11.32 -47.39
C ARG B 49 0.34 -11.11 -46.45
N VAL B 50 0.18 -12.03 -45.50
CA VAL B 50 -0.89 -12.02 -44.51
C VAL B 50 -0.37 -11.48 -43.18
N THR B 51 -1.00 -10.39 -42.70
CA THR B 51 -0.63 -9.75 -41.44
C THR B 51 -1.80 -9.93 -40.47
N LYS B 52 -1.49 -10.34 -39.22
CA LYS B 52 -2.51 -10.42 -38.16
C LYS B 52 -2.65 -8.98 -37.66
N VAL B 53 -3.88 -8.48 -37.59
CA VAL B 53 -4.18 -7.09 -37.18
C VAL B 53 -5.32 -7.08 -36.19
N ALA B 54 -5.58 -5.89 -35.58
CA ALA B 54 -6.75 -5.65 -34.73
C ALA B 54 -7.63 -4.64 -35.49
N VAL B 55 -8.93 -4.89 -35.52
CA VAL B 55 -9.86 -4.03 -36.20
C VAL B 55 -10.89 -3.47 -35.22
N LYS B 56 -11.04 -2.14 -35.18
CA LYS B 56 -12.05 -1.48 -34.35
C LYS B 56 -13.21 -1.08 -35.23
N MET B 57 -14.42 -1.36 -34.77
CA MET B 57 -15.63 -1.03 -35.50
C MET B 57 -16.69 -0.66 -34.50
N LEU B 58 -17.80 -0.11 -34.97
CA LEU B 58 -18.94 0.19 -34.11
C LEU B 58 -19.74 -1.08 -33.83
N LYS B 59 -20.53 -1.10 -32.76
CA LYS B 59 -21.46 -2.20 -32.51
C LYS B 59 -22.78 -1.76 -33.14
N SER B 60 -23.74 -2.69 -33.29
CA SER B 60 -25.02 -2.48 -33.92
C SER B 60 -25.92 -1.46 -33.22
N ASP B 61 -25.64 -1.14 -31.95
CA ASP B 61 -26.44 -0.16 -31.23
C ASP B 61 -25.81 1.24 -31.25
N ALA B 62 -24.75 1.44 -32.06
CA ALA B 62 -24.09 2.76 -32.12
C ALA B 62 -24.92 3.81 -32.80
N THR B 63 -24.66 5.08 -32.49
CA THR B 63 -25.40 6.23 -33.03
C THR B 63 -24.47 7.04 -33.88
N GLU B 64 -24.95 8.15 -34.45
CA GLU B 64 -24.14 9.01 -35.30
C GLU B 64 -22.96 9.61 -34.50
N LYS B 65 -23.16 9.86 -33.20
CA LYS B 65 -22.11 10.38 -32.33
C LYS B 65 -20.95 9.39 -32.16
N ASP B 66 -21.23 8.09 -32.04
CA ASP B 66 -20.19 7.06 -31.93
C ASP B 66 -19.45 6.93 -33.23
N LEU B 67 -20.15 7.06 -34.37
CA LEU B 67 -19.47 7.06 -35.66
C LEU B 67 -18.51 8.27 -35.72
N SER B 68 -19.00 9.44 -35.32
CA SER B 68 -18.16 10.65 -35.30
C SER B 68 -16.90 10.47 -34.40
N ASP B 69 -17.05 9.77 -33.24
CA ASP B 69 -15.97 9.48 -32.30
C ASP B 69 -14.94 8.54 -32.90
N LEU B 70 -15.41 7.46 -33.56
CA LEU B 70 -14.51 6.48 -34.17
C LEU B 70 -13.74 7.12 -35.34
N ILE B 71 -14.40 8.00 -36.10
CA ILE B 71 -13.77 8.74 -37.22
C ILE B 71 -12.66 9.65 -36.67
N SER B 72 -12.94 10.41 -35.61
CA SER B 72 -11.97 11.29 -34.94
C SER B 72 -10.76 10.55 -34.46
N GLU B 73 -10.95 9.33 -33.90
CA GLU B 73 -9.86 8.52 -33.37
C GLU B 73 -8.93 8.14 -34.53
N MET B 74 -9.51 7.66 -35.66
CA MET B 74 -8.76 7.29 -36.85
C MET B 74 -7.98 8.52 -37.41
N GLU B 75 -8.64 9.67 -37.53
CA GLU B 75 -8.06 10.89 -38.06
C GLU B 75 -6.92 11.41 -37.19
N MET B 76 -7.07 11.30 -35.85
CA MET B 76 -6.05 11.65 -34.88
C MET B 76 -4.83 10.74 -35.06
N MET B 77 -5.04 9.43 -35.26
CA MET B 77 -3.96 8.49 -35.54
C MET B 77 -3.17 8.86 -36.80
N LYS B 78 -3.85 9.33 -37.87
CA LYS B 78 -3.17 9.80 -39.09
C LYS B 78 -2.29 11.02 -38.83
N MET B 79 -2.79 11.98 -38.02
N MET B 79 -2.79 11.97 -38.01
CA MET B 79 -2.06 13.21 -37.70
CA MET B 79 -2.09 13.21 -37.69
C MET B 79 -0.84 12.96 -36.83
C MET B 79 -0.85 12.96 -36.83
N ILE B 80 -0.93 11.98 -35.90
CA ILE B 80 0.17 11.65 -34.98
C ILE B 80 1.33 10.98 -35.69
N GLY B 81 1.04 10.09 -36.63
CA GLY B 81 2.08 9.38 -37.38
C GLY B 81 2.57 8.16 -36.64
N LYS B 82 3.49 7.43 -37.27
CA LYS B 82 4.09 6.18 -36.83
C LYS B 82 5.17 6.29 -35.77
N HIS B 83 5.18 5.30 -34.86
CA HIS B 83 6.24 5.14 -33.85
C HIS B 83 6.17 3.70 -33.39
N LYS B 84 7.33 3.12 -33.08
CA LYS B 84 7.53 1.75 -32.59
C LYS B 84 6.74 1.49 -31.31
N ASN B 85 6.65 2.51 -30.42
CA ASN B 85 6.05 2.33 -29.10
C ASN B 85 4.67 2.90 -28.94
N ILE B 86 3.92 2.91 -30.05
CA ILE B 86 2.51 3.28 -30.04
C ILE B 86 1.80 2.23 -30.92
N ILE B 87 0.48 2.08 -30.75
CA ILE B 87 -0.30 1.21 -31.60
C ILE B 87 -0.51 2.05 -32.88
N ASN B 88 0.03 1.56 -34.01
CA ASN B 88 -0.05 2.30 -35.27
C ASN B 88 -1.28 1.97 -36.11
N LEU B 89 -1.72 2.96 -36.93
CA LEU B 89 -2.83 2.81 -37.91
C LEU B 89 -2.21 2.14 -39.14
N LEU B 90 -2.82 1.05 -39.60
CA LEU B 90 -2.34 0.27 -40.75
C LEU B 90 -3.23 0.41 -41.97
N GLY B 91 -4.49 0.72 -41.74
CA GLY B 91 -5.44 0.85 -42.83
C GLY B 91 -6.84 1.11 -42.32
N ALA B 92 -7.80 1.19 -43.29
CA ALA B 92 -9.22 1.41 -43.00
C ALA B 92 -10.12 1.03 -44.14
N CYS B 93 -11.35 0.57 -43.82
CA CYS B 93 -12.43 0.30 -44.75
C CYS B 93 -13.46 1.33 -44.35
N THR B 94 -13.65 2.38 -45.17
CA THR B 94 -14.54 3.51 -44.85
C THR B 94 -15.72 3.61 -45.81
N GLN B 95 -15.54 3.05 -47.01
CA GLN B 95 -16.52 3.12 -48.10
C GLN B 95 -17.37 1.90 -48.20
N ASP B 96 -18.63 2.09 -48.65
CA ASP B 96 -19.59 1.04 -48.92
C ASP B 96 -19.67 -0.01 -47.83
N GLY B 97 -19.95 0.43 -46.62
CA GLY B 97 -20.15 -0.50 -45.53
C GLY B 97 -19.63 0.02 -44.23
N PRO B 98 -19.64 -0.84 -43.19
CA PRO B 98 -19.21 -0.40 -41.86
C PRO B 98 -17.77 0.11 -41.81
N LEU B 99 -17.55 1.13 -41.00
CA LEU B 99 -16.20 1.67 -40.84
C LEU B 99 -15.36 0.67 -40.04
N TYR B 100 -14.19 0.27 -40.59
CA TYR B 100 -13.22 -0.60 -39.91
C TYR B 100 -11.92 0.16 -39.80
N VAL B 101 -11.37 0.31 -38.58
CA VAL B 101 -10.07 1.01 -38.36
C VAL B 101 -9.08 -0.10 -38.07
N ILE B 102 -8.14 -0.34 -39.00
CA ILE B 102 -7.17 -1.44 -38.91
C ILE B 102 -5.89 -0.95 -38.28
N VAL B 103 -5.53 -1.59 -37.17
CA VAL B 103 -4.37 -1.23 -36.36
C VAL B 103 -3.53 -2.46 -36.06
N GLU B 104 -2.31 -2.24 -35.54
CA GLU B 104 -1.35 -3.28 -35.14
C GLU B 104 -1.90 -4.20 -34.07
N TYR B 105 -1.56 -5.52 -34.19
CA TYR B 105 -1.99 -6.53 -33.23
C TYR B 105 -0.91 -6.80 -32.15
N ALA B 106 -1.33 -6.87 -30.88
CA ALA B 106 -0.46 -7.11 -29.73
C ALA B 106 -0.87 -8.43 -29.08
N SER B 107 -0.23 -9.54 -29.51
CA SER B 107 -0.53 -10.93 -29.07
C SER B 107 -0.38 -11.20 -27.57
N LYS B 108 0.36 -10.37 -26.84
CA LYS B 108 0.58 -10.60 -25.41
C LYS B 108 -0.34 -9.75 -24.50
N GLY B 109 -1.32 -9.09 -25.12
CA GLY B 109 -2.31 -8.26 -24.44
C GLY B 109 -1.74 -7.02 -23.77
N ASN B 110 -2.43 -6.53 -22.74
CA ASN B 110 -1.98 -5.33 -22.04
C ASN B 110 -0.86 -5.62 -21.04
N LEU B 111 -0.09 -4.60 -20.67
CA LEU B 111 1.05 -4.68 -19.76
C LEU B 111 0.72 -5.30 -18.38
N ARG B 112 -0.47 -4.97 -17.83
CA ARG B 112 -0.99 -5.46 -16.54
C ARG B 112 -1.07 -6.99 -16.56
N GLU B 113 -1.73 -7.56 -17.58
CA GLU B 113 -1.89 -9.01 -17.79
C GLU B 113 -0.52 -9.63 -18.07
N TYR B 114 0.31 -8.96 -18.90
CA TYR B 114 1.68 -9.42 -19.25
C TYR B 114 2.54 -9.59 -18.00
N LEU B 115 2.52 -8.60 -17.10
CA LEU B 115 3.30 -8.61 -15.86
C LEU B 115 2.77 -9.67 -14.88
N GLN B 116 1.42 -9.70 -14.70
CA GLN B 116 0.74 -10.63 -13.80
C GLN B 116 0.97 -12.05 -14.19
N ALA B 117 1.01 -12.36 -15.50
CA ALA B 117 1.24 -13.73 -15.99
C ALA B 117 2.70 -14.16 -15.86
N ARG B 118 3.62 -13.23 -15.61
CA ARG B 118 5.04 -13.55 -15.57
C ARG B 118 5.71 -13.34 -14.22
N ARG B 119 4.92 -13.29 -13.13
CA ARG B 119 5.53 -13.05 -11.84
C ARG B 119 6.09 -14.40 -11.24
N PRO B 120 7.30 -14.37 -10.62
CA PRO B 120 7.94 -15.60 -10.09
C PRO B 120 7.16 -16.39 -9.03
N PRO B 121 7.56 -17.64 -8.66
CA PRO B 121 6.80 -18.38 -7.63
C PRO B 121 7.06 -17.88 -6.21
N GLU B 135 8.84 -17.52 -19.86
CA GLU B 135 8.84 -16.06 -19.77
C GLU B 135 8.83 -15.56 -18.31
N GLN B 136 10.00 -15.08 -17.87
CA GLN B 136 10.25 -14.55 -16.53
C GLN B 136 10.99 -13.24 -16.72
N LEU B 137 10.54 -12.20 -16.02
CA LEU B 137 11.11 -10.89 -16.21
C LEU B 137 12.28 -10.60 -15.27
N SER B 138 13.38 -10.06 -15.84
CA SER B 138 14.58 -9.64 -15.13
C SER B 138 14.39 -8.16 -14.74
N SER B 139 15.27 -7.60 -13.91
CA SER B 139 15.23 -6.20 -13.49
C SER B 139 15.40 -5.28 -14.68
N LYS B 140 16.24 -5.68 -15.68
CA LYS B 140 16.51 -4.93 -16.92
C LYS B 140 15.23 -4.87 -17.76
N ASP B 141 14.54 -6.03 -17.95
CA ASP B 141 13.27 -6.15 -18.70
C ASP B 141 12.24 -5.19 -18.13
N LEU B 142 12.19 -5.05 -16.79
CA LEU B 142 11.23 -4.14 -16.18
C LEU B 142 11.58 -2.69 -16.48
N VAL B 143 12.87 -2.30 -16.37
CA VAL B 143 13.29 -0.93 -16.70
C VAL B 143 13.11 -0.67 -18.22
N SER B 144 13.38 -1.72 -19.06
CA SER B 144 13.19 -1.71 -20.53
C SER B 144 11.73 -1.37 -20.83
N CYS B 145 10.81 -2.00 -20.11
N CYS B 145 10.76 -2.00 -20.10
CA CYS B 145 9.37 -1.80 -20.22
CA CYS B 145 9.32 -1.75 -20.24
C CYS B 145 8.99 -0.33 -19.93
C CYS B 145 9.02 -0.29 -19.96
N ALA B 146 9.51 0.25 -18.83
CA ALA B 146 9.32 1.66 -18.41
C ALA B 146 9.91 2.64 -19.46
N TYR B 147 11.13 2.34 -19.97
CA TYR B 147 11.83 3.09 -21.03
C TYR B 147 10.97 3.12 -22.32
N GLN B 148 10.55 1.95 -22.81
CA GLN B 148 9.71 1.83 -24.00
C GLN B 148 8.43 2.64 -23.87
N VAL B 149 7.77 2.56 -22.70
CA VAL B 149 6.56 3.34 -22.46
C VAL B 149 6.90 4.83 -22.54
N ALA B 150 7.93 5.27 -21.82
CA ALA B 150 8.39 6.68 -21.84
C ALA B 150 8.70 7.20 -23.25
N ARG B 151 9.31 6.35 -24.12
CA ARG B 151 9.64 6.65 -25.52
C ARG B 151 8.37 6.90 -26.32
N GLY B 152 7.38 6.01 -26.18
CA GLY B 152 6.10 6.15 -26.85
C GLY B 152 5.40 7.42 -26.43
N MET B 153 5.44 7.71 -25.13
CA MET B 153 4.83 8.91 -24.55
C MET B 153 5.56 10.20 -24.97
N GLU B 154 6.88 10.12 -25.10
CA GLU B 154 7.70 11.24 -25.56
C GLU B 154 7.27 11.60 -26.99
N TYR B 155 7.00 10.56 -27.81
CA TYR B 155 6.61 10.71 -29.20
C TYR B 155 5.25 11.35 -29.32
N LEU B 156 4.28 10.85 -28.55
CA LEU B 156 2.92 11.36 -28.49
C LEU B 156 2.89 12.82 -28.02
N ALA B 157 3.65 13.14 -26.96
CA ALA B 157 3.81 14.50 -26.41
C ALA B 157 4.26 15.53 -27.45
N SER B 158 5.27 15.15 -28.29
CA SER B 158 5.83 15.98 -29.38
C SER B 158 4.80 16.15 -30.50
N LYS B 159 3.84 15.22 -30.59
CA LYS B 159 2.76 15.26 -31.59
C LYS B 159 1.50 15.94 -30.98
N LYS B 160 1.66 16.63 -29.82
CA LYS B 160 0.62 17.38 -29.08
C LYS B 160 -0.47 16.48 -28.51
N CYS B 161 -0.15 15.21 -28.29
CA CYS B 161 -1.12 14.26 -27.79
C CYS B 161 -1.00 14.02 -26.29
N ILE B 162 -2.09 14.31 -25.58
CA ILE B 162 -2.21 14.11 -24.12
C ILE B 162 -3.06 12.85 -24.01
N HIS B 163 -2.54 11.83 -23.36
CA HIS B 163 -3.25 10.56 -23.25
C HIS B 163 -4.48 10.64 -22.33
N ARG B 164 -4.34 11.15 -21.08
CA ARG B 164 -5.40 11.32 -20.05
C ARG B 164 -5.74 10.05 -19.26
N ASP B 165 -5.30 8.86 -19.74
CA ASP B 165 -5.49 7.60 -18.98
C ASP B 165 -4.31 6.64 -19.19
N LEU B 166 -3.11 7.17 -19.03
CA LEU B 166 -1.92 6.33 -19.13
C LEU B 166 -1.87 5.38 -17.91
N ALA B 167 -1.95 4.08 -18.20
CA ALA B 167 -1.99 2.99 -17.24
C ALA B 167 -1.52 1.77 -17.95
N ALA B 168 -1.01 0.77 -17.20
CA ALA B 168 -0.55 -0.51 -17.79
C ALA B 168 -1.64 -1.12 -18.66
N ARG B 169 -2.92 -0.94 -18.28
CA ARG B 169 -4.06 -1.48 -19.06
C ARG B 169 -4.10 -0.86 -20.47
N ASN B 170 -3.52 0.36 -20.63
CA ASN B 170 -3.50 1.08 -21.90
C ASN B 170 -2.15 1.00 -22.62
N VAL B 171 -1.34 -0.01 -22.27
CA VAL B 171 -0.08 -0.31 -22.94
C VAL B 171 -0.27 -1.73 -23.44
N LEU B 172 0.03 -1.98 -24.70
CA LEU B 172 -0.15 -3.32 -25.24
C LEU B 172 1.22 -3.86 -25.54
N VAL B 173 1.37 -5.19 -25.49
CA VAL B 173 2.64 -5.88 -25.69
C VAL B 173 2.52 -6.86 -26.93
N THR B 174 3.48 -6.76 -27.89
CA THR B 174 3.51 -7.57 -29.13
C THR B 174 4.21 -8.92 -28.91
N GLU B 175 4.16 -9.83 -29.90
CA GLU B 175 4.85 -11.13 -29.83
C GLU B 175 6.35 -10.95 -29.51
N ASP B 176 6.95 -9.87 -30.02
CA ASP B 176 8.37 -9.56 -29.82
C ASP B 176 8.62 -8.62 -28.62
N ASN B 177 7.67 -8.60 -27.64
CA ASN B 177 7.75 -7.87 -26.37
C ASN B 177 7.96 -6.36 -26.52
N VAL B 178 7.38 -5.76 -27.55
CA VAL B 178 7.48 -4.31 -27.76
C VAL B 178 6.28 -3.66 -27.02
N MET B 179 6.54 -2.62 -26.23
CA MET B 179 5.47 -1.89 -25.53
C MET B 179 4.89 -0.92 -26.55
N LYS B 180 3.55 -0.87 -26.65
CA LYS B 180 2.83 0.03 -27.54
C LYS B 180 1.66 0.72 -26.82
N ILE B 181 1.75 2.03 -26.61
CA ILE B 181 0.69 2.84 -26.01
C ILE B 181 -0.54 2.67 -26.91
N ALA B 182 -1.65 2.40 -26.28
CA ALA B 182 -2.92 2.23 -26.94
C ALA B 182 -3.88 3.30 -26.40
N ASP B 183 -4.96 3.60 -27.16
CA ASP B 183 -6.05 4.52 -26.82
C ASP B 183 -5.60 5.90 -26.44
N PHE B 184 -4.56 6.38 -27.12
CA PHE B 184 -3.96 7.69 -26.88
C PHE B 184 -4.75 8.79 -27.52
N GLY B 185 -5.59 8.46 -28.51
CA GLY B 185 -6.34 9.45 -29.26
C GLY B 185 -7.85 9.35 -29.27
N LEU B 186 -8.44 9.16 -28.08
CA LEU B 186 -9.90 9.05 -27.90
C LEU B 186 -10.58 10.43 -27.90
N ALA B 187 -11.87 10.47 -28.31
CA ALA B 187 -12.68 11.69 -28.42
C ALA B 187 -13.00 12.31 -27.06
N ILE B 193 -16.97 13.12 -16.55
CA ILE B 193 -16.20 11.92 -16.23
C ILE B 193 -16.69 11.31 -14.89
N ASP B 194 -17.08 10.02 -14.93
CA ASP B 194 -17.60 9.31 -13.76
C ASP B 194 -16.45 8.71 -12.97
N TYR B 195 -16.21 9.26 -11.77
CA TYR B 195 -15.15 8.80 -10.87
C TYR B 195 -15.39 7.41 -10.27
N TYR B 196 -16.66 7.00 -10.20
CA TYR B 196 -17.05 5.72 -9.60
C TYR B 196 -17.12 4.55 -10.61
N LYS B 197 -16.87 4.83 -11.91
CA LYS B 197 -16.87 3.79 -12.94
C LYS B 197 -15.61 2.96 -12.83
N LYS B 198 -15.76 1.64 -12.74
CA LYS B 198 -14.63 0.72 -12.67
C LYS B 198 -14.27 0.18 -14.06
N THR B 199 -13.02 -0.30 -14.21
CA THR B 199 -12.54 -0.96 -15.42
C THR B 199 -13.11 -2.41 -15.41
N THR B 200 -12.95 -3.12 -16.54
CA THR B 200 -13.33 -4.54 -16.70
C THR B 200 -12.78 -5.37 -15.54
N ASN B 201 -11.52 -5.08 -15.14
CA ASN B 201 -10.81 -5.78 -14.07
C ASN B 201 -11.14 -5.27 -12.64
N GLY B 202 -12.15 -4.40 -12.53
CA GLY B 202 -12.64 -3.89 -11.25
C GLY B 202 -11.82 -2.82 -10.56
N ARG B 203 -10.95 -2.10 -11.29
CA ARG B 203 -10.15 -1.03 -10.65
C ARG B 203 -10.70 0.35 -10.99
N LEU B 204 -10.37 1.37 -10.16
CA LEU B 204 -10.82 2.76 -10.38
C LEU B 204 -9.75 3.58 -11.11
N PRO B 205 -9.98 3.99 -12.39
CA PRO B 205 -8.97 4.82 -13.11
C PRO B 205 -8.52 6.10 -12.44
N VAL B 206 -9.34 6.70 -11.52
CA VAL B 206 -8.98 7.92 -10.78
C VAL B 206 -7.62 7.77 -10.09
N LYS B 207 -7.29 6.52 -9.68
CA LYS B 207 -6.05 6.20 -8.97
C LYS B 207 -4.77 6.46 -9.79
N TRP B 208 -4.92 6.77 -11.09
CA TRP B 208 -3.81 7.12 -11.99
C TRP B 208 -3.79 8.60 -12.32
N MET B 209 -4.84 9.34 -11.87
CA MET B 209 -5.02 10.75 -12.21
C MET B 209 -4.15 11.69 -11.39
N ALA B 210 -3.53 12.67 -12.07
CA ALA B 210 -2.74 13.70 -11.40
C ALA B 210 -3.70 14.52 -10.53
N PRO B 211 -3.29 15.08 -9.37
CA PRO B 211 -4.24 15.89 -8.59
C PRO B 211 -4.82 17.09 -9.36
N GLU B 212 -4.01 17.79 -10.18
CA GLU B 212 -4.54 18.91 -10.95
C GLU B 212 -5.56 18.47 -12.02
N ALA B 213 -5.48 17.22 -12.51
CA ALA B 213 -6.45 16.68 -13.47
C ALA B 213 -7.69 16.22 -12.70
N LEU B 214 -7.50 15.54 -11.58
CA LEU B 214 -8.60 15.07 -10.74
C LEU B 214 -9.41 16.24 -10.15
N PHE B 215 -8.75 17.09 -9.35
CA PHE B 215 -9.38 18.22 -8.65
C PHE B 215 -9.65 19.45 -9.51
N ASP B 216 -8.83 19.73 -10.54
CA ASP B 216 -9.00 20.97 -11.31
C ASP B 216 -9.20 20.77 -12.82
N ARG B 217 -9.41 19.52 -13.27
CA ARG B 217 -9.63 19.15 -14.69
C ARG B 217 -8.54 19.72 -15.64
N ILE B 218 -7.28 19.77 -15.18
CA ILE B 218 -6.16 20.27 -15.99
C ILE B 218 -5.37 19.05 -16.48
N TYR B 219 -5.39 18.84 -17.77
CA TYR B 219 -4.71 17.72 -18.42
C TYR B 219 -3.59 18.26 -19.31
N THR B 220 -2.35 17.88 -19.02
CA THR B 220 -1.18 18.28 -19.80
C THR B 220 -0.26 17.06 -20.00
N HIS B 221 0.94 17.28 -20.60
CA HIS B 221 1.96 16.25 -20.72
C HIS B 221 2.51 15.89 -19.33
N GLN B 222 2.50 16.89 -18.39
CA GLN B 222 2.92 16.73 -16.99
C GLN B 222 1.92 15.96 -16.15
N SER B 223 0.62 16.03 -16.50
CA SER B 223 -0.37 15.21 -15.78
C SER B 223 -0.25 13.75 -16.24
N ASP B 224 0.15 13.52 -17.52
CA ASP B 224 0.43 12.16 -18.03
C ASP B 224 1.71 11.60 -17.35
N VAL B 225 2.65 12.47 -16.96
CA VAL B 225 3.90 12.14 -16.25
C VAL B 225 3.53 11.53 -14.89
N TRP B 226 2.59 12.18 -14.15
CA TRP B 226 2.11 11.67 -12.87
C TRP B 226 1.57 10.24 -13.09
N SER B 227 0.71 10.03 -14.11
CA SER B 227 0.15 8.71 -14.47
C SER B 227 1.26 7.72 -14.78
N PHE B 228 2.37 8.20 -15.44
CA PHE B 228 3.51 7.34 -15.77
C PHE B 228 4.18 6.80 -14.47
N GLY B 229 4.16 7.61 -13.40
CA GLY B 229 4.69 7.26 -12.09
C GLY B 229 3.93 6.10 -11.50
N VAL B 230 2.60 6.10 -11.67
CA VAL B 230 1.69 5.05 -11.24
C VAL B 230 1.93 3.84 -12.10
N LEU B 231 2.13 4.05 -13.40
CA LEU B 231 2.46 2.97 -14.35
C LEU B 231 3.80 2.31 -13.92
N LEU B 232 4.81 3.10 -13.48
CA LEU B 232 6.11 2.61 -12.99
C LEU B 232 5.89 1.68 -11.81
N TRP B 233 5.07 2.13 -10.84
CA TRP B 233 4.68 1.37 -9.66
C TRP B 233 4.02 0.03 -10.06
N GLU B 234 3.11 0.04 -11.09
CA GLU B 234 2.43 -1.13 -11.63
C GLU B 234 3.49 -2.07 -12.17
N ILE B 235 4.51 -1.53 -12.89
CA ILE B 235 5.58 -2.36 -13.43
C ILE B 235 6.36 -3.05 -12.30
N PHE B 236 6.83 -2.27 -11.32
CA PHE B 236 7.69 -2.80 -10.26
C PHE B 236 6.93 -3.63 -9.20
N THR B 237 5.58 -3.62 -9.21
CA THR B 237 4.77 -4.52 -8.37
C THR B 237 4.30 -5.71 -9.23
N LEU B 238 4.74 -5.80 -10.50
CA LEU B 238 4.38 -6.88 -11.44
C LEU B 238 2.88 -6.99 -11.66
N GLY B 239 2.27 -5.84 -11.96
CA GLY B 239 0.84 -5.76 -12.23
C GLY B 239 0.02 -5.55 -10.97
N GLY B 240 0.63 -4.89 -9.97
CA GLY B 240 -0.04 -4.59 -8.70
C GLY B 240 -1.14 -3.59 -8.85
N SER B 241 -2.13 -3.71 -7.97
CA SER B 241 -3.31 -2.88 -7.97
C SER B 241 -3.11 -1.69 -7.05
N PRO B 242 -3.13 -0.45 -7.61
CA PRO B 242 -2.94 0.74 -6.78
C PRO B 242 -4.07 0.92 -5.77
N TYR B 243 -3.74 1.27 -4.53
CA TYR B 243 -4.68 1.55 -3.43
C TYR B 243 -5.82 0.49 -3.35
N PRO B 244 -5.53 -0.81 -3.05
CA PRO B 244 -6.64 -1.78 -3.00
C PRO B 244 -7.58 -1.54 -1.83
N GLY B 245 -8.89 -1.54 -2.10
CA GLY B 245 -9.95 -1.33 -1.10
C GLY B 245 -10.23 0.14 -0.82
N VAL B 246 -9.53 1.04 -1.54
CA VAL B 246 -9.68 2.47 -1.32
C VAL B 246 -10.78 3.03 -2.25
N PRO B 247 -11.94 3.44 -1.70
CA PRO B 247 -12.97 4.05 -2.57
C PRO B 247 -12.58 5.48 -2.98
N VAL B 248 -13.34 6.05 -3.93
CA VAL B 248 -13.11 7.38 -4.52
C VAL B 248 -12.87 8.48 -3.49
N GLU B 249 -13.79 8.61 -2.50
CA GLU B 249 -13.73 9.67 -1.51
C GLU B 249 -12.47 9.59 -0.65
N GLU B 250 -12.03 8.35 -0.35
CA GLU B 250 -10.83 8.11 0.45
C GLU B 250 -9.57 8.42 -0.34
N LEU B 251 -9.59 8.19 -1.66
CA LEU B 251 -8.46 8.50 -2.54
C LEU B 251 -8.26 10.04 -2.60
N PHE B 252 -9.36 10.79 -2.73
CA PHE B 252 -9.38 12.27 -2.69
C PHE B 252 -8.66 12.73 -1.42
N LYS B 253 -9.03 12.11 -0.27
CA LYS B 253 -8.44 12.37 1.04
C LYS B 253 -6.93 12.00 1.07
N LEU B 254 -6.52 10.89 0.42
CA LEU B 254 -5.09 10.52 0.38
C LEU B 254 -4.28 11.57 -0.41
N LEU B 255 -4.83 12.06 -1.52
CA LEU B 255 -4.18 13.06 -2.35
C LEU B 255 -4.10 14.43 -1.66
N LYS B 256 -5.22 14.84 -1.00
CA LYS B 256 -5.31 16.09 -0.22
C LYS B 256 -4.20 16.09 0.82
N GLU B 257 -4.03 14.97 1.54
CA GLU B 257 -3.01 14.74 2.57
C GLU B 257 -1.60 14.59 2.00
N GLY B 258 -1.48 14.57 0.68
CA GLY B 258 -0.19 14.40 0.03
C GLY B 258 0.41 13.05 0.27
N HIS B 259 -0.46 12.02 0.44
CA HIS B 259 -0.07 10.64 0.63
C HIS B 259 0.56 10.16 -0.66
N ARG B 260 1.57 9.33 -0.52
CA ARG B 260 2.24 8.74 -1.67
C ARG B 260 2.37 7.25 -1.42
N MET B 261 2.20 6.42 -2.46
CA MET B 261 2.36 4.97 -2.29
C MET B 261 3.79 4.72 -1.82
N ASP B 262 3.94 3.82 -0.83
CA ASP B 262 5.21 3.41 -0.28
C ASP B 262 6.02 2.70 -1.39
N LYS B 263 7.35 2.68 -1.25
CA LYS B 263 8.27 2.04 -2.20
C LYS B 263 7.97 0.55 -2.33
N PRO B 264 7.73 -0.01 -3.54
CA PRO B 264 7.52 -1.47 -3.61
C PRO B 264 8.83 -2.20 -3.40
N SER B 265 8.74 -3.50 -3.08
CA SER B 265 9.92 -4.35 -2.90
C SER B 265 10.52 -4.56 -4.29
N ASN B 266 11.85 -4.77 -4.41
CA ASN B 266 12.54 -4.91 -5.71
C ASN B 266 12.32 -3.61 -6.54
N CYS B 267 12.70 -2.49 -5.93
CA CYS B 267 12.64 -1.14 -6.49
C CYS B 267 13.73 -0.33 -5.83
N THR B 268 14.64 0.18 -6.64
CA THR B 268 15.78 0.97 -6.17
C THR B 268 15.31 2.31 -5.61
N ASN B 269 16.14 2.96 -4.76
CA ASN B 269 15.83 4.29 -4.26
C ASN B 269 15.70 5.26 -5.47
N GLU B 270 16.49 5.01 -6.53
CA GLU B 270 16.52 5.81 -7.75
C GLU B 270 15.19 5.73 -8.51
N LEU B 271 14.66 4.50 -8.73
CA LEU B 271 13.39 4.35 -9.43
C LEU B 271 12.25 4.82 -8.54
N TYR B 272 12.42 4.74 -7.21
CA TYR B 272 11.39 5.22 -6.31
C TYR B 272 11.37 6.73 -6.31
N MET B 273 12.55 7.35 -6.40
CA MET B 273 12.64 8.80 -6.50
C MET B 273 12.05 9.22 -7.85
N MET B 274 12.17 8.39 -8.90
CA MET B 274 11.55 8.69 -10.20
C MET B 274 10.03 8.74 -10.07
N MET B 275 9.42 7.71 -9.43
CA MET B 275 7.97 7.66 -9.20
C MET B 275 7.58 8.88 -8.37
N ARG B 276 8.27 9.08 -7.22
CA ARG B 276 8.01 10.23 -6.33
C ARG B 276 8.18 11.58 -7.06
N ASP B 277 9.16 11.71 -7.98
CA ASP B 277 9.38 12.92 -8.77
C ASP B 277 8.23 13.13 -9.78
N CYS B 278 7.70 12.01 -10.34
CA CYS B 278 6.51 11.96 -11.23
C CYS B 278 5.31 12.38 -10.39
N TRP B 279 5.38 12.11 -9.09
CA TRP B 279 4.33 12.46 -8.15
C TRP B 279 4.54 13.79 -7.42
N HIS B 280 5.25 14.75 -8.06
CA HIS B 280 5.39 16.05 -7.44
C HIS B 280 4.04 16.76 -7.52
N ALA B 281 3.62 17.41 -6.42
CA ALA B 281 2.35 18.15 -6.38
C ALA B 281 2.33 19.27 -7.45
N VAL B 282 3.47 19.96 -7.66
CA VAL B 282 3.64 21.03 -8.65
C VAL B 282 4.02 20.40 -10.00
N PRO B 283 3.16 20.51 -11.03
CA PRO B 283 3.45 19.87 -12.32
C PRO B 283 4.79 20.22 -12.99
N SER B 284 5.27 21.48 -12.87
CA SER B 284 6.54 21.91 -13.46
C SER B 284 7.76 21.27 -12.80
N GLN B 285 7.58 20.77 -11.57
CA GLN B 285 8.62 20.11 -10.75
C GLN B 285 8.72 18.61 -11.06
N ARG B 286 7.79 18.11 -11.90
CA ARG B 286 7.79 16.72 -12.34
C ARG B 286 8.75 16.65 -13.52
N PRO B 287 9.43 15.52 -13.76
CA PRO B 287 10.25 15.44 -14.98
C PRO B 287 9.39 15.45 -16.28
N THR B 288 10.01 15.75 -17.41
CA THR B 288 9.26 15.69 -18.65
C THR B 288 9.41 14.27 -19.21
N PHE B 289 8.66 13.91 -20.27
CA PHE B 289 8.89 12.61 -20.89
C PHE B 289 10.28 12.53 -21.52
N LYS B 290 10.79 13.66 -22.07
CA LYS B 290 12.16 13.74 -22.61
C LYS B 290 13.17 13.50 -21.50
N GLN B 291 12.93 14.06 -20.27
CA GLN B 291 13.82 13.84 -19.14
C GLN B 291 13.70 12.39 -18.67
N LEU B 292 12.46 11.84 -18.70
CA LEU B 292 12.21 10.46 -18.27
C LEU B 292 12.86 9.44 -19.20
N VAL B 293 12.82 9.65 -20.52
CA VAL B 293 13.47 8.82 -21.54
C VAL B 293 14.99 8.87 -21.35
N GLU B 294 15.54 10.08 -21.13
CA GLU B 294 16.97 10.27 -20.92
C GLU B 294 17.40 9.45 -19.69
N ASP B 295 16.73 9.65 -18.53
CA ASP B 295 17.00 8.95 -17.27
C ASP B 295 16.82 7.44 -17.38
N LEU B 296 15.74 6.98 -18.05
CA LEU B 296 15.47 5.55 -18.22
C LEU B 296 16.45 4.89 -19.18
N ASP B 297 16.93 5.64 -20.19
CA ASP B 297 17.96 5.15 -21.12
C ASP B 297 19.23 4.84 -20.34
N ARG B 298 19.60 5.74 -19.41
CA ARG B 298 20.79 5.61 -18.57
C ARG B 298 20.61 4.45 -17.58
N ILE B 299 19.45 4.42 -16.87
CA ILE B 299 19.12 3.39 -15.86
C ILE B 299 19.14 1.98 -16.48
N VAL B 300 18.42 1.75 -17.61
CA VAL B 300 18.37 0.43 -18.29
C VAL B 300 19.78 -0.14 -18.44
N ALA B 301 20.68 0.64 -19.07
CA ALA B 301 22.08 0.28 -19.34
C ALA B 301 22.83 -0.11 -18.09
N LEU B 302 22.50 0.52 -16.95
CA LEU B 302 23.16 0.26 -15.67
C LEU B 302 22.47 -0.82 -14.85
N THR B 303 21.25 -1.24 -15.27
CA THR B 303 20.45 -2.27 -14.59
C THR B 303 20.82 -3.66 -15.11
N SER B 304 21.02 -4.60 -14.17
CA SER B 304 21.37 -5.99 -14.44
C SER B 304 20.26 -6.81 -15.11
N ASN B 305 20.69 -7.84 -15.88
CA ASN B 305 19.88 -8.83 -16.57
C ASN B 305 20.08 -10.21 -15.89
N GLN B 306 20.83 -10.23 -14.77
CA GLN B 306 21.17 -11.43 -14.00
C GLN B 306 20.23 -11.74 -12.82
N GLU B 307 19.22 -10.86 -12.59
CA GLU B 307 18.22 -10.99 -11.51
C GLU B 307 16.95 -10.18 -11.83
S SO4 C . -2.01 3.92 15.90
O1 SO4 C . -1.11 4.20 17.03
O2 SO4 C . -1.66 4.87 14.85
O3 SO4 C . -1.87 2.53 15.37
O4 SO4 C . -3.35 4.15 16.39
S SO4 D . 6.86 -13.02 39.66
O1 SO4 D . 6.49 -11.75 40.29
O2 SO4 D . 8.31 -13.09 39.38
O3 SO4 D . 6.50 -14.14 40.54
O4 SO4 D . 6.14 -13.12 38.43
S SO4 E . 7.04 10.56 2.91
O1 SO4 E . 8.50 10.67 2.71
O2 SO4 E . 6.33 11.50 2.03
O3 SO4 E . 6.63 9.20 2.59
O4 SO4 E . 6.72 10.86 4.31
S SO4 F . -3.88 -22.09 26.83
O1 SO4 F . -4.07 -20.60 27.04
O2 SO4 F . -4.39 -22.50 25.52
O3 SO4 F . -2.47 -22.45 26.87
O4 SO4 F . -4.57 -22.87 27.84
C1 EDO G . 11.03 9.65 22.14
O1 EDO G . 12.27 9.12 21.64
C2 EDO G . 9.92 9.52 21.04
O2 EDO G . 9.83 8.17 20.59
C1 EDO H . -9.97 5.19 7.28
O1 EDO H . -11.12 5.18 6.43
C2 EDO H . -8.77 4.53 6.55
O2 EDO H . -7.51 5.04 6.99
C1 EDO I . -3.36 -8.54 7.41
O1 EDO I . -4.66 -8.01 7.34
C2 EDO I . -3.21 -9.38 6.17
O2 EDO I . -2.49 -8.62 5.24
C1 EDO J . 2.12 -19.90 22.73
O1 EDO J . 3.31 -20.26 22.08
C2 EDO J . 0.98 -19.92 21.70
O2 EDO J . 1.18 -18.88 20.74
C XOJ K . 6.30 12.07 28.05
N XOJ K . 6.50 10.66 25.96
O XOJ K . -3.16 4.26 28.81
C1 XOJ K . 7.20 11.31 27.11
N1 XOJ K . 5.10 6.65 28.56
O1 XOJ K . -0.23 -1.96 30.65
C2 XOJ K . 7.39 10.05 24.95
N2 XOJ K . 5.04 4.84 29.98
O2 XOJ K . -2.07 0.88 34.16
C3 XOJ K . 6.85 10.15 23.54
N3 XOJ K . 0.96 4.69 29.34
C4 XOJ K . 5.40 9.78 26.39
N4 XOJ K . 3.00 5.73 28.96
C5 XOJ K . 5.77 8.63 27.32
N5 XOJ K . -1.09 3.59 29.46
C6 XOJ K . 4.63 7.70 27.69
N6 XOJ K . -1.36 5.60 28.40
C7 XOJ K . 4.36 5.71 29.19
C8 XOJ K . 4.32 3.91 30.57
C9 XOJ K . 2.94 3.84 30.47
C10 XOJ K . 2.17 2.82 31.06
C11 XOJ K . 0.83 2.70 30.77
C12 XOJ K . 0.26 3.69 29.87
C13 XOJ K . 2.29 4.76 29.63
C14 XOJ K . -1.95 4.48 28.89
C15 XOJ K . -1.98 6.61 27.50
C16 XOJ K . -0.94 7.68 27.21
C17 XOJ K . -3.17 7.24 28.21
C18 XOJ K . -2.41 5.94 26.20
C19 XOJ K . 0.06 1.56 31.33
C20 XOJ K . -0.72 1.70 32.48
C21 XOJ K . -1.37 0.61 33.02
C22 XOJ K . -1.28 -0.65 32.43
C23 XOJ K . -0.50 -0.78 31.28
C24 XOJ K . 0.15 0.30 30.72
C25 XOJ K . -0.40 -3.18 31.36
C26 XOJ K . -2.61 -0.21 34.91
H XOJ K . 5.86 11.38 28.78
HA XOJ K . 5.48 12.59 27.56
HB XOJ K . 6.83 12.81 28.65
H1 XOJ K . 7.81 10.59 27.64
H1A XOJ K . 7.92 12.00 26.69
H2 XOJ K . 7.60 9.02 25.22
H2A XOJ K . 8.35 10.55 25.01
H3 XOJ K . 5.80 9.91 23.45
H3A XOJ K . 7.38 9.45 22.88
H3B XOJ K . 7.00 11.13 23.10
H4 XOJ K . 4.57 10.32 26.83
H4A XOJ K . 4.91 9.31 25.53
H5 XOJ K . 6.26 9.02 28.22
H5A XOJ K . 6.55 8.02 26.88
H6 XOJ K . 4.16 7.25 26.81
H6A XOJ K . 3.83 8.27 28.16
HN1 XOJ K . 6.10 6.61 28.72
H8 XOJ K . 4.89 3.15 31.09
H10 XOJ K . 2.66 2.10 31.71
HN5 XOJ K . -1.54 2.74 29.82
HN6 XOJ K . -0.36 5.72 28.50
H16 XOJ K . -1.04 8.12 26.21
H16A XOJ K . 0.08 7.31 27.23
H16B XOJ K . -0.98 8.50 27.92
H17 XOJ K . -4.00 6.56 28.38
H17A XOJ K . -2.89 7.64 29.17
H17B XOJ K . -3.58 8.06 27.62
H18 XOJ K . -3.27 6.44 25.73
H18A XOJ K . -2.72 4.90 26.32
H18B XOJ K . -1.62 5.93 25.44
H20 XOJ K . -0.79 2.69 32.93
H22 XOJ K . -1.83 -1.48 32.86
H24 XOJ K . 0.73 0.16 29.81
H25 XOJ K . -0.29 -3.93 30.58
H25A XOJ K . 0.29 -3.42 32.15
H25B XOJ K . -1.43 -3.25 31.71
H26 XOJ K . -3.30 -0.81 34.33
H26A XOJ K . -3.17 0.31 35.69
H26B XOJ K . -1.89 -0.86 35.40
S SO4 L . -16.29 -6.09 26.40
O1 SO4 L . -16.07 -4.65 26.31
O2 SO4 L . -16.54 -6.63 25.06
O3 SO4 L . -15.10 -6.73 26.96
O4 SO4 L . -17.45 -6.37 27.24
C1 EDO M . 8.62 -27.94 20.14
O1 EDO M . 10.03 -27.83 20.15
C2 EDO M . 8.25 -29.43 20.18
O2 EDO M . 7.06 -29.65 19.46
S SO4 N . -6.75 -2.65 -14.80
O1 SO4 N . -5.72 -1.76 -14.36
O2 SO4 N . -6.28 -3.39 -15.93
O3 SO4 N . -7.12 -3.57 -13.72
O4 SO4 N . -7.93 -1.95 -15.18
C1 EDO O . -12.40 -0.49 -4.73
O1 EDO O . -12.84 -0.01 -3.47
C2 EDO O . -10.88 -0.77 -4.68
O2 EDO O . -10.47 -1.59 -5.78
C1 EDO P . 0.65 7.97 -5.90
O1 EDO P . 1.56 7.70 -4.86
C2 EDO P . -0.48 8.84 -5.34
O2 EDO P . -1.67 8.50 -6.03
C1 EDO Q . -17.43 5.76 -28.99
O1 EDO Q . -18.56 6.59 -28.73
C2 EDO Q . -17.76 4.52 -29.88
O2 EDO Q . -16.59 3.98 -30.48
C1 EDO R . 14.99 -2.45 -10.32
O1 EDO R . 14.30 -1.67 -9.37
C2 EDO R . 13.97 -3.38 -11.00
O2 EDO R . 13.83 -4.57 -10.23
C1 EDO S . -0.43 -12.86 -21.97
O1 EDO S . 0.54 -11.92 -21.50
C2 EDO S . 0.26 -14.17 -22.41
O2 EDO S . 1.32 -13.94 -23.35
C XOJ T . -6.35 -13.43 -27.71
N XOJ T . -5.20 -12.11 -25.93
O XOJ T . -9.93 -1.41 -26.85
C1 XOJ T . -5.08 -12.79 -27.23
N1 XOJ T . -4.61 -7.88 -28.30
O1 XOJ T . -5.04 2.50 -29.79
C2 XOJ T . -3.92 -12.13 -25.21
N2 XOJ T . -3.97 -6.27 -29.79
O2 XOJ T . -8.67 1.08 -32.64
C3 XOJ T . -4.04 -11.79 -23.76
N3 XOJ T . -7.07 -3.95 -28.36
C4 XOJ T . -5.72 -10.76 -26.08
N4 XOJ T . -5.87 -5.93 -28.30
C5 XOJ T . -4.78 -9.81 -26.81
N5 XOJ T . -8.33 -2.00 -28.35
C6 XOJ T . -5.40 -8.50 -27.23
N6 XOJ T . -9.24 -3.56 -26.97
C7 XOJ T . -4.82 -6.65 -28.81
C8 XOJ T . -4.17 -5.08 -30.28
C9 XOJ T . -5.18 -4.22 -29.85
C10 XOJ T . -5.39 -2.93 -30.36
C11 XOJ T . -6.41 -2.16 -29.87
C12 XOJ T . -7.25 -2.73 -28.85
C13 XOJ T . -6.04 -4.70 -28.85
C14 XOJ T . -9.22 -2.27 -27.35
C15 XOJ T . -10.23 -4.16 -26.06
C16 XOJ T . -9.91 -5.62 -25.88
C17 XOJ T . -11.62 -4.00 -26.66
C18 XOJ T . -10.17 -3.44 -24.72
C19 XOJ T . -6.56 -0.76 -30.35
C20 XOJ T . -7.54 -0.42 -31.28
C21 XOJ T . -7.67 0.89 -31.73
C22 XOJ T . -6.84 1.88 -31.23
C23 XOJ T . -5.88 1.54 -30.31
C24 XOJ T . -5.73 0.25 -29.87
C25 XOJ T . -4.58 3.52 -30.65
C26 XOJ T . -8.71 2.32 -33.35
H XOJ T . -6.15 -14.10 -28.54
HA XOJ T . -7.10 -12.72 -28.05
HB XOJ T . -6.82 -14.04 -26.95
H1 XOJ T . -4.72 -12.08 -27.98
H1A XOJ T . -4.29 -13.54 -27.16
H2 XOJ T . -3.45 -13.10 -25.34
H2A XOJ T . -3.26 -11.43 -25.71
H3 XOJ T . -3.20 -11.20 -23.38
H3A XOJ T . -4.09 -12.69 -23.15
H3B XOJ T . -4.95 -11.23 -23.52
H4 XOJ T . -5.98 -10.30 -25.13
H4A XOJ T . -6.67 -10.73 -26.62
H5 XOJ T . -4.32 -10.33 -27.65
H5A XOJ T . -3.92 -9.59 -26.18
H6 XOJ T . -5.47 -7.79 -26.42
H6A XOJ T . -6.42 -8.66 -27.56
HN1 XOJ T . -3.84 -8.42 -28.68
H8 XOJ T . -3.48 -4.76 -31.07
H10 XOJ T . -4.74 -2.56 -31.15
HN5 XOJ T . -8.30 -1.03 -28.66
HN6 XOJ T . -8.63 -4.23 -27.41
H16 XOJ T . -10.26 -6.03 -24.93
H16A XOJ T . -8.83 -5.79 -25.88
H16B XOJ T . -10.32 -6.26 -26.65
H17 XOJ T . -12.21 -3.23 -26.17
H17A XOJ T . -11.58 -3.73 -27.70
H17B XOJ T . -12.19 -4.93 -26.61
H18 XOJ T . -11.15 -3.15 -24.35
H18A XOJ T . -9.59 -2.52 -24.80
H18B XOJ T . -9.69 -4.03 -23.94
H20 XOJ T . -8.19 -1.21 -31.66
H22 XOJ T . -6.99 2.90 -31.60
H24 XOJ T . -4.97 0.01 -29.13
H25 XOJ T . -3.68 3.91 -30.17
H25A XOJ T . -4.34 3.26 -31.68
H25B XOJ T . -5.34 4.31 -30.64
H26 XOJ T . -9.65 2.83 -33.18
H26A XOJ T . -8.63 2.01 -34.39
H26B XOJ T . -7.89 2.99 -33.13
#